data_8W71
#
_entry.id   8W71
#
_cell.length_a   57.103
_cell.length_b   73.901
_cell.length_c   103.784
_cell.angle_alpha   70.84
_cell.angle_beta   84.46
_cell.angle_gamma   90.02
#
_symmetry.space_group_name_H-M   'P 1'
#
loop_
_entity.id
_entity.type
_entity.pdbx_description
1 polymer 'Isochorismate synthase 1, chloroplastic'
2 non-polymer '(3R,4R)-3-[(1-carboxyethenyl)oxy]-4-hydroxycyclohexa-1,5-diene-1-carboxylic acid'
3 non-polymer 'MAGNESIUM ION'
4 non-polymer 'FORMIC ACID'
5 water water
#
_entity_poly.entity_id   1
_entity_poly.type   'polypeptide(L)'
_entity_poly.pdbx_seq_one_letter_code
;MDMSMNGCDGDFKTPLGTVETRTMTAVLSPAAATERLISAVSELKSQPPSFSSGVVRLQVPIDQQIGAIDWLQAQNEIQP
RCFFSRRSDVGRPDLLLDLANENGNGNGNGTVSSDRNLVSVAGIGSAVFFRDLDPFSHDDWRSIRRFLSSTSPLIRAYGG
MRFDPNGKIAVEWEPFGAFYFSVPQVEFNEFGGSSMLAATIAWDDELSWTLENAIEALQETMLQVSSVVMKLRNRSLGVS
VLSKNHVPTKGAYFPAVEKALEMINQKSSPLNRVVLARNSRIITDTDIDPIAWLAQLQREGHDAYQFCLQPPGAPAFIGN
TPERLFQRTQLGVCSEALAATRPRAASSARDMEIERDLLTSPKDDLEFSIVRENIREKLNGICDRVVVKPQKTVRKLARV
QHLYSQLAGRLTKEDDEYKILAALHPTPAVCGLPAEEARLLIKEIESFDRGMYAGPIGFFGGEESEFAVGIRSALVEKGL
GALIYAGTGIVAGSDPSSEWNELDLKISQFTKSIEYEATTSLQAINHHHHHHHHHH
;
_entity_poly.pdbx_strand_id   A,B
#
# COMPACT_ATOMS: atom_id res chain seq x y z
N SER A 4 27.98 -3.28 -26.94
CA SER A 4 28.78 -2.11 -26.58
C SER A 4 30.02 -2.56 -25.79
N MET A 5 30.50 -1.74 -24.85
CA MET A 5 31.60 -2.10 -23.96
C MET A 5 31.49 -1.28 -22.68
N ASN A 6 31.90 -1.88 -21.57
CA ASN A 6 31.89 -1.22 -20.26
C ASN A 6 33.23 -0.51 -20.09
N GLY A 7 33.24 0.83 -20.24
CA GLY A 7 34.46 1.59 -20.09
C GLY A 7 35.09 1.50 -18.71
N CYS A 8 34.33 1.03 -17.69
CA CYS A 8 34.96 0.82 -16.39
C CYS A 8 35.97 -0.31 -16.42
N ASP A 9 35.82 -1.25 -17.36
CA ASP A 9 36.80 -2.31 -17.56
C ASP A 9 38.08 -1.81 -18.23
N GLY A 10 38.08 -0.58 -18.76
CA GLY A 10 39.22 -0.10 -19.51
C GLY A 10 40.37 0.37 -18.62
N ASP A 11 41.51 0.57 -19.26
CA ASP A 11 42.71 1.05 -18.58
C ASP A 11 42.61 2.58 -18.47
N PHE A 12 42.04 3.06 -17.36
CA PHE A 12 41.72 4.48 -17.29
C PHE A 12 42.95 5.37 -17.20
N LYS A 13 44.13 4.81 -16.91
CA LYS A 13 45.35 5.60 -16.88
C LYS A 13 46.03 5.70 -18.24
N THR A 14 45.54 4.99 -19.26
CA THR A 14 46.07 5.03 -20.61
C THR A 14 45.11 5.77 -21.53
N PRO A 15 45.48 6.92 -22.07
CA PRO A 15 44.56 7.68 -22.92
C PRO A 15 44.17 6.94 -24.19
N LEU A 16 42.96 7.21 -24.67
CA LEU A 16 42.50 6.66 -25.94
C LEU A 16 43.39 7.15 -27.09
N GLY A 17 43.32 6.43 -28.21
CA GLY A 17 44.03 6.89 -29.40
C GLY A 17 43.57 8.25 -29.87
N THR A 18 42.26 8.52 -29.78
CA THR A 18 41.73 9.80 -30.18
C THR A 18 40.40 10.00 -29.45
N VAL A 19 40.05 11.25 -29.25
CA VAL A 19 38.70 11.67 -28.89
C VAL A 19 38.43 12.91 -29.74
N GLU A 20 37.44 12.84 -30.63
CA GLU A 20 37.32 13.91 -31.61
C GLU A 20 35.90 13.96 -32.14
N THR A 21 35.53 15.14 -32.65
CA THR A 21 34.23 15.40 -33.25
C THR A 21 34.42 15.84 -34.68
N ARG A 22 33.61 15.30 -35.59
CA ARG A 22 33.60 15.72 -36.98
C ARG A 22 32.21 16.22 -37.32
N THR A 23 32.14 17.45 -37.84
CA THR A 23 30.88 18.08 -38.22
C THR A 23 30.69 18.01 -39.73
N MET A 24 29.54 17.48 -40.17
CA MET A 24 29.15 17.48 -41.58
C MET A 24 28.48 18.79 -41.97
N THR A 25 28.32 18.99 -43.28
CA THR A 25 27.59 20.15 -43.78
C THR A 25 26.14 20.12 -43.29
N ALA A 26 25.61 21.30 -42.96
CA ALA A 26 24.29 21.41 -42.38
C ALA A 26 23.23 21.04 -43.40
N VAL A 27 22.14 20.44 -42.92
CA VAL A 27 21.02 20.08 -43.77
C VAL A 27 19.78 20.78 -43.21
N LEU A 28 18.67 20.63 -43.93
CA LEU A 28 17.48 21.36 -43.52
C LEU A 28 16.50 20.55 -42.69
N SER A 29 16.54 19.23 -42.77
CA SER A 29 15.49 18.37 -42.22
C SER A 29 16.12 17.18 -41.49
N PRO A 30 15.36 16.52 -40.62
CA PRO A 30 15.90 15.29 -39.98
C PRO A 30 16.06 14.13 -40.95
N ALA A 31 15.20 13.98 -41.96
CA ALA A 31 15.38 12.88 -42.92
C ALA A 31 16.69 13.06 -43.67
N ALA A 32 17.00 14.30 -44.08
CA ALA A 32 18.30 14.55 -44.70
C ALA A 32 19.43 14.24 -43.74
N ALA A 33 19.30 14.67 -42.48
CA ALA A 33 20.35 14.43 -41.50
C ALA A 33 20.58 12.95 -41.32
N THR A 34 19.51 12.16 -41.23
CA THR A 34 19.67 10.72 -41.03
C THR A 34 20.40 10.10 -42.22
N GLU A 35 20.03 10.50 -43.45
CA GLU A 35 20.69 9.98 -44.65
C GLU A 35 22.15 10.40 -44.69
N ARG A 36 22.45 11.68 -44.42
CA ARG A 36 23.84 12.12 -44.42
C ARG A 36 24.65 11.41 -43.34
N LEU A 37 24.06 11.19 -42.16
CA LEU A 37 24.80 10.51 -41.09
C LEU A 37 25.09 9.06 -41.45
N ILE A 38 24.12 8.38 -42.08
CA ILE A 38 24.38 7.05 -42.62
C ILE A 38 25.58 7.09 -43.57
N SER A 39 25.62 8.10 -44.44
CA SER A 39 26.73 8.21 -45.38
C SER A 39 28.04 8.54 -44.67
N ALA A 40 28.01 9.39 -43.62
CA ALA A 40 29.25 9.72 -42.90
C ALA A 40 29.83 8.50 -42.20
N VAL A 41 28.98 7.64 -41.64
CA VAL A 41 29.48 6.43 -40.99
C VAL A 41 30.11 5.51 -42.04
N SER A 42 29.45 5.38 -43.20
CA SER A 42 30.01 4.60 -44.30
C SER A 42 31.36 5.12 -44.75
N GLU A 43 31.46 6.44 -44.96
CA GLU A 43 32.74 7.00 -45.37
C GLU A 43 33.82 6.74 -44.32
N LEU A 44 33.46 6.87 -43.04
CA LEU A 44 34.41 6.58 -41.97
C LEU A 44 34.85 5.12 -42.02
N LYS A 45 33.89 4.21 -42.18
CA LYS A 45 34.25 2.80 -42.32
C LYS A 45 35.23 2.57 -43.46
N SER A 46 35.12 3.36 -44.55
CA SER A 46 36.01 3.13 -45.69
C SER A 46 37.34 3.86 -45.56
N GLN A 47 37.41 4.93 -44.78
CA GLN A 47 38.64 5.66 -44.51
C GLN A 47 38.80 5.79 -43.00
N PRO A 48 39.04 4.68 -42.31
CA PRO A 48 38.89 4.67 -40.85
C PRO A 48 40.11 5.24 -40.15
N PRO A 49 39.97 5.69 -38.90
CA PRO A 49 41.15 5.85 -38.04
C PRO A 49 41.77 4.50 -37.78
N SER A 50 43.05 4.49 -37.42
CA SER A 50 43.75 3.22 -37.24
C SER A 50 44.20 2.99 -35.81
N PHE A 51 43.83 3.87 -34.88
CA PHE A 51 44.17 3.65 -33.47
C PHE A 51 43.51 2.39 -32.94
N SER A 52 44.15 1.79 -31.93
CA SER A 52 43.56 0.66 -31.22
C SER A 52 42.46 1.06 -30.24
N SER A 53 42.22 2.35 -30.02
CA SER A 53 41.14 2.80 -29.17
C SER A 53 40.77 4.23 -29.56
N GLY A 54 39.53 4.61 -29.30
CA GLY A 54 39.16 5.98 -29.59
C GLY A 54 37.67 6.22 -29.46
N VAL A 55 37.31 7.50 -29.65
CA VAL A 55 35.95 7.99 -29.73
C VAL A 55 35.89 8.95 -30.89
N VAL A 56 35.01 8.69 -31.85
CA VAL A 56 34.77 9.60 -32.96
C VAL A 56 33.28 9.91 -32.97
N ARG A 57 32.95 11.17 -32.80
CA ARG A 57 31.57 11.64 -32.88
C ARG A 57 31.39 12.30 -34.25
N LEU A 58 30.38 11.86 -34.99
CA LEU A 58 30.00 12.47 -36.26
C LEU A 58 28.67 13.16 -36.07
N GLN A 59 28.57 14.43 -36.49
CA GLN A 59 27.36 15.19 -36.23
C GLN A 59 26.93 15.98 -37.46
N VAL A 60 25.63 16.03 -37.69
CA VAL A 60 25.03 16.75 -38.81
C VAL A 60 24.15 17.87 -38.25
N PRO A 61 24.48 19.14 -38.47
CA PRO A 61 23.58 20.22 -38.05
C PRO A 61 22.29 20.19 -38.86
N ILE A 62 21.19 20.52 -38.18
CA ILE A 62 19.87 20.60 -38.77
C ILE A 62 19.40 22.03 -38.57
N ASP A 63 19.04 22.71 -39.66
CA ASP A 63 18.66 24.12 -39.57
C ASP A 63 17.34 24.33 -38.87
N GLN A 64 16.46 23.32 -38.84
CA GLN A 64 15.18 23.48 -38.18
C GLN A 64 15.31 23.25 -36.67
N GLN A 65 14.38 23.85 -35.92
CA GLN A 65 14.28 23.61 -34.48
C GLN A 65 13.33 22.44 -34.25
N ILE A 66 13.86 21.31 -33.80
CA ILE A 66 13.07 20.10 -33.57
C ILE A 66 13.26 19.68 -32.13
N GLY A 67 12.16 19.28 -31.49
CA GLY A 67 12.23 18.86 -30.10
C GLY A 67 12.92 17.50 -30.00
N ALA A 68 13.93 17.41 -29.13
CA ALA A 68 14.62 16.14 -28.95
C ALA A 68 13.68 15.05 -28.45
N ILE A 69 12.71 15.40 -27.60
CA ILE A 69 11.78 14.39 -27.11
C ILE A 69 10.84 13.92 -28.22
N ASP A 70 10.55 14.78 -29.20
CA ASP A 70 9.76 14.30 -30.35
C ASP A 70 10.56 13.32 -31.18
N TRP A 71 11.85 13.60 -31.38
CA TRP A 71 12.71 12.66 -32.09
C TRP A 71 12.78 11.33 -31.35
N LEU A 72 12.94 11.35 -30.02
CA LEU A 72 13.05 10.12 -29.25
C LEU A 72 11.76 9.32 -29.34
N GLN A 73 10.62 10.00 -29.25
CA GLN A 73 9.33 9.34 -29.35
C GLN A 73 9.19 8.54 -30.64
N ALA A 74 9.80 9.00 -31.75
CA ALA A 74 9.72 8.32 -33.03
C ALA A 74 10.65 7.12 -33.13
N GLN A 75 11.53 6.89 -32.15
CA GLN A 75 12.55 5.88 -32.30
C GLN A 75 12.06 4.54 -31.77
N ASN A 76 12.54 3.47 -32.40
CA ASN A 76 12.37 2.11 -31.90
C ASN A 76 12.99 1.99 -30.52
N GLU A 77 12.68 0.89 -29.83
CA GLU A 77 13.23 0.66 -28.49
C GLU A 77 14.65 0.13 -28.63
N ILE A 78 15.57 1.06 -28.84
CA ILE A 78 16.98 0.78 -28.99
C ILE A 78 17.64 1.29 -27.71
N GLN A 79 18.06 0.36 -26.84
CA GLN A 79 18.44 0.73 -25.48
C GLN A 79 19.94 0.65 -25.27
N PRO A 80 20.51 1.42 -24.31
CA PRO A 80 19.80 2.35 -23.40
C PRO A 80 19.16 3.54 -24.09
N ARG A 81 18.05 4.01 -23.52
CA ARG A 81 17.42 5.25 -23.94
C ARG A 81 17.74 6.32 -22.91
N CYS A 82 18.22 7.46 -23.38
CA CYS A 82 18.63 8.60 -22.55
C CYS A 82 17.82 9.82 -22.94
N PHE A 83 17.51 10.66 -21.97
CA PHE A 83 16.99 11.98 -22.26
C PHE A 83 17.43 12.91 -21.16
N PHE A 84 17.75 14.15 -21.52
CA PHE A 84 18.09 15.16 -20.53
C PHE A 84 17.77 16.54 -21.08
N SER A 85 17.04 17.35 -20.29
CA SER A 85 16.77 18.74 -20.66
C SER A 85 17.02 19.60 -19.43
N ARG A 86 17.96 20.55 -19.53
CA ARG A 86 18.28 21.39 -18.39
C ARG A 86 17.15 22.39 -18.11
N ARG A 87 17.26 23.10 -16.99
CA ARG A 87 16.21 24.02 -16.57
C ARG A 87 16.20 25.27 -17.44
N SER A 88 15.00 25.77 -17.73
CA SER A 88 14.84 27.05 -18.42
C SER A 88 15.49 28.21 -17.68
N ASP A 89 15.78 28.06 -16.37
CA ASP A 89 16.32 29.07 -15.46
C ASP A 89 15.80 30.48 -15.77
N VAL A 90 14.46 30.63 -15.75
CA VAL A 90 13.78 31.87 -16.12
C VAL A 90 13.97 32.92 -15.03
N GLY A 91 14.72 33.98 -15.35
CA GLY A 91 14.83 35.14 -14.51
C GLY A 91 15.78 35.00 -13.34
N ARG A 92 16.06 33.77 -12.90
CA ARG A 92 16.99 33.58 -11.79
C ARG A 92 18.41 33.89 -12.24
N PRO A 93 19.22 34.50 -11.38
CA PRO A 93 20.59 34.83 -11.77
C PRO A 93 21.43 33.57 -11.95
N ASP A 94 22.33 33.61 -12.93
CA ASP A 94 23.32 32.56 -13.09
C ASP A 94 24.54 32.99 -12.30
N LEU A 95 24.75 32.37 -11.13
CA LEU A 95 25.79 32.82 -10.22
C LEU A 95 27.18 32.74 -10.84
N LEU A 96 27.37 31.85 -11.82
CA LEU A 96 28.62 31.83 -12.57
C LEU A 96 28.56 33.02 -13.51
N LEU A 97 29.01 34.17 -13.00
CA LEU A 97 29.07 35.44 -13.74
C LEU A 97 30.28 36.24 -13.25
N ARG A 116 25.63 29.22 -28.21
CA ARG A 116 25.00 27.92 -28.44
C ARG A 116 24.75 27.19 -27.12
N ASN A 117 23.49 26.92 -26.82
CA ASN A 117 23.17 26.22 -25.59
C ASN A 117 22.15 25.11 -25.86
N LEU A 118 22.37 23.99 -25.17
CA LEU A 118 21.65 22.74 -25.39
C LEU A 118 20.33 22.77 -24.62
N VAL A 119 19.21 22.79 -25.35
CA VAL A 119 17.90 22.81 -24.70
C VAL A 119 17.51 21.41 -24.24
N SER A 120 17.79 20.39 -25.05
CA SER A 120 17.38 19.01 -24.77
C SER A 120 18.26 18.10 -25.60
N VAL A 121 18.45 16.87 -25.13
CA VAL A 121 19.19 15.85 -25.88
C VAL A 121 18.53 14.50 -25.63
N ALA A 122 18.38 13.71 -26.68
CA ALA A 122 17.90 12.34 -26.57
C ALA A 122 18.95 11.40 -27.14
N GLY A 123 19.08 10.22 -26.54
CA GLY A 123 19.99 9.21 -27.07
C GLY A 123 19.37 7.83 -27.07
N ILE A 124 19.78 7.03 -28.05
CA ILE A 124 19.45 5.61 -28.12
C ILE A 124 20.75 4.83 -28.31
N GLY A 125 20.76 3.60 -27.80
CA GLY A 125 21.95 2.76 -27.94
C GLY A 125 23.08 3.26 -27.05
N SER A 126 24.20 2.53 -27.10
CA SER A 126 25.38 2.89 -26.33
C SER A 126 26.63 2.70 -27.16
N ALA A 127 27.39 3.78 -27.36
CA ALA A 127 28.75 3.65 -27.88
C ALA A 127 29.67 3.05 -26.83
N VAL A 128 29.51 3.46 -25.57
CA VAL A 128 30.23 2.92 -24.43
C VAL A 128 29.38 3.19 -23.19
N PHE A 129 29.34 2.23 -22.26
CA PHE A 129 28.59 2.42 -21.03
C PHE A 129 29.50 2.18 -19.83
N PHE A 130 29.01 2.60 -18.66
CA PHE A 130 29.79 2.53 -17.41
C PHE A 130 28.86 2.07 -16.31
N ARG A 131 29.18 0.92 -15.72
CA ARG A 131 28.28 0.30 -14.74
C ARG A 131 29.12 -0.56 -13.81
N ASP A 132 28.72 -0.61 -12.54
CA ASP A 132 29.33 -1.49 -11.56
C ASP A 132 28.34 -1.69 -10.42
N LEU A 133 28.52 -2.80 -9.69
CA LEU A 133 27.70 -3.02 -8.52
C LEU A 133 28.26 -2.33 -7.29
N ASP A 134 29.56 -1.98 -7.31
CA ASP A 134 30.17 -1.22 -6.23
C ASP A 134 29.92 0.27 -6.44
N PRO A 135 29.92 1.06 -5.36
CA PRO A 135 29.68 2.50 -5.48
C PRO A 135 30.61 3.15 -6.51
N PHE A 136 30.06 4.17 -7.18
CA PHE A 136 30.83 5.01 -8.10
C PHE A 136 32.05 5.58 -7.37
N SER A 137 33.24 5.33 -7.92
CA SER A 137 34.51 5.70 -7.30
C SER A 137 35.27 6.69 -8.19
N HIS A 138 36.31 7.29 -7.60
CA HIS A 138 37.18 8.17 -8.37
C HIS A 138 37.74 7.49 -9.62
N ASP A 139 38.03 6.18 -9.54
CA ASP A 139 38.52 5.44 -10.70
C ASP A 139 37.43 5.32 -11.76
N ASP A 140 36.18 5.14 -11.34
CA ASP A 140 35.07 5.14 -12.29
C ASP A 140 34.97 6.49 -12.99
N TRP A 141 35.06 7.58 -12.21
CA TRP A 141 35.03 8.90 -12.81
C TRP A 141 36.13 9.06 -13.84
N ARG A 142 37.36 8.63 -13.49
CA ARG A 142 38.45 8.65 -14.46
C ARG A 142 38.14 7.80 -15.68
N SER A 143 37.49 6.66 -15.48
CA SER A 143 37.16 5.78 -16.61
C SER A 143 36.29 6.52 -17.62
N ILE A 144 35.33 7.31 -17.12
CA ILE A 144 34.45 8.12 -17.97
C ILE A 144 35.22 9.27 -18.59
N ARG A 145 36.06 9.94 -17.80
CA ARG A 145 36.84 11.07 -18.30
C ARG A 145 37.77 10.65 -19.45
N ARG A 146 38.14 9.38 -19.49
CA ARG A 146 38.95 8.88 -20.60
C ARG A 146 38.26 9.05 -21.95
N PHE A 147 36.93 9.11 -21.98
CA PHE A 147 36.18 9.17 -23.23
C PHE A 147 35.72 10.58 -23.59
N LEU A 148 36.09 11.59 -22.81
CA LEU A 148 35.60 12.96 -23.01
C LEU A 148 36.76 13.87 -23.37
N SER A 149 36.43 15.09 -23.82
CA SER A 149 37.50 16.01 -24.12
C SER A 149 36.98 17.43 -24.16
N SER A 150 37.83 18.37 -23.76
CA SER A 150 37.44 19.77 -23.74
C SER A 150 37.22 20.32 -25.14
N THR A 151 37.87 19.73 -26.14
CA THR A 151 37.68 20.20 -27.51
C THR A 151 36.50 19.52 -28.21
N SER A 152 35.85 18.54 -27.58
CA SER A 152 34.61 17.92 -28.07
C SER A 152 33.53 18.14 -27.02
N PRO A 153 32.98 19.35 -26.93
CA PRO A 153 32.08 19.67 -25.80
C PRO A 153 30.81 18.83 -25.73
N LEU A 154 30.31 18.28 -26.86
CA LEU A 154 29.05 17.56 -26.89
C LEU A 154 29.20 16.06 -26.69
N ILE A 155 30.42 15.53 -26.68
CA ILE A 155 30.63 14.15 -26.28
C ILE A 155 30.36 14.07 -24.77
N ARG A 156 29.25 13.46 -24.39
CA ARG A 156 28.81 13.46 -23.00
C ARG A 156 28.27 12.10 -22.63
N ALA A 157 28.46 11.73 -21.36
CA ALA A 157 27.99 10.45 -20.82
C ALA A 157 26.82 10.73 -19.88
N TYR A 158 25.64 10.17 -20.21
CA TYR A 158 24.38 10.43 -19.50
C TYR A 158 24.10 9.29 -18.54
N GLY A 159 23.68 9.64 -17.33
CA GLY A 159 23.25 8.61 -16.41
C GLY A 159 23.21 9.14 -14.99
N GLY A 160 23.24 8.22 -14.04
CA GLY A 160 23.20 8.66 -12.66
C GLY A 160 23.70 7.60 -11.72
N MET A 161 23.42 7.82 -10.43
CA MET A 161 23.93 6.99 -9.35
C MET A 161 22.83 6.75 -8.32
N ARG A 162 22.89 5.59 -7.67
CA ARG A 162 21.93 5.27 -6.62
C ARG A 162 21.97 6.30 -5.50
N PHE A 163 20.79 6.61 -4.94
CA PHE A 163 20.75 7.37 -3.69
C PHE A 163 21.69 6.77 -2.67
N ASP A 164 21.59 5.45 -2.43
CA ASP A 164 22.45 4.74 -1.49
C ASP A 164 23.12 3.60 -2.22
N PRO A 165 24.36 3.75 -2.68
CA PRO A 165 24.97 2.70 -3.51
C PRO A 165 25.38 1.48 -2.71
N ASN A 166 25.29 1.51 -1.38
CA ASN A 166 25.53 0.36 -0.51
C ASN A 166 24.24 -0.34 -0.08
N GLY A 167 23.06 0.20 -0.42
CA GLY A 167 21.83 -0.43 0.01
C GLY A 167 21.51 -1.67 -0.79
N LYS A 168 20.60 -2.47 -0.26
CA LYS A 168 20.13 -3.65 -0.99
C LYS A 168 19.39 -3.22 -2.27
N ILE A 169 19.77 -3.80 -3.40
CA ILE A 169 19.17 -3.45 -4.68
C ILE A 169 17.96 -4.35 -4.94
N ALA A 170 16.76 -3.75 -4.98
CA ALA A 170 15.60 -4.53 -5.36
C ALA A 170 15.63 -4.86 -6.86
N VAL A 171 14.88 -5.89 -7.24
CA VAL A 171 14.98 -6.40 -8.62
C VAL A 171 14.62 -5.30 -9.63
N GLU A 172 13.62 -4.47 -9.33
CA GLU A 172 13.23 -3.45 -10.31
C GLU A 172 14.37 -2.47 -10.59
N TRP A 173 15.31 -2.31 -9.66
CA TRP A 173 16.44 -1.42 -9.84
C TRP A 173 17.72 -2.13 -10.25
N GLU A 174 17.71 -3.46 -10.30
CA GLU A 174 18.90 -4.26 -10.66
C GLU A 174 19.61 -3.80 -11.93
N PRO A 175 18.93 -3.52 -13.04
CA PRO A 175 19.69 -3.18 -14.26
C PRO A 175 20.51 -1.90 -14.13
N PHE A 176 20.18 -1.05 -13.16
CA PHE A 176 20.88 0.22 -12.97
C PHE A 176 22.18 0.06 -12.21
N GLY A 177 22.37 -1.04 -11.49
CA GLY A 177 23.60 -1.17 -10.72
C GLY A 177 23.69 -0.11 -9.62
N ALA A 178 24.91 0.08 -9.10
CA ALA A 178 25.17 1.19 -8.20
C ALA A 178 25.21 2.51 -8.96
N PHE A 179 25.49 2.45 -10.26
CA PHE A 179 25.51 3.62 -11.13
C PHE A 179 25.47 3.11 -12.56
N TYR A 180 24.96 3.96 -13.47
CA TYR A 180 24.88 3.64 -14.89
C TYR A 180 25.08 4.90 -15.70
N PHE A 181 26.08 4.90 -16.59
CA PHE A 181 26.26 6.01 -17.52
C PHE A 181 26.46 5.46 -18.92
N SER A 182 26.13 6.26 -19.93
CA SER A 182 26.31 5.80 -21.30
C SER A 182 26.47 6.98 -22.27
N VAL A 183 27.41 6.82 -23.19
CA VAL A 183 27.49 7.71 -24.36
C VAL A 183 26.57 7.12 -25.42
N PRO A 184 25.57 7.88 -25.93
CA PRO A 184 24.62 7.29 -26.89
C PRO A 184 25.28 6.84 -28.17
N GLN A 185 24.73 5.76 -28.74
CA GLN A 185 25.12 5.38 -30.09
C GLN A 185 24.66 6.41 -31.11
N VAL A 186 23.41 6.86 -30.98
CA VAL A 186 22.84 7.90 -31.83
C VAL A 186 22.10 8.88 -30.93
N GLU A 187 22.24 10.17 -31.20
CA GLU A 187 21.59 11.13 -30.34
C GLU A 187 21.07 12.29 -31.16
N PHE A 188 20.12 12.99 -30.57
CA PHE A 188 19.54 14.19 -31.16
C PHE A 188 19.77 15.33 -30.18
N ASN A 189 20.32 16.44 -30.67
CA ASN A 189 20.56 17.62 -29.83
C ASN A 189 19.64 18.74 -30.29
N GLU A 190 18.86 19.29 -29.37
CA GLU A 190 18.01 20.43 -29.64
C GLU A 190 18.63 21.70 -29.06
N PHE A 191 18.85 22.69 -29.91
CA PHE A 191 19.36 23.99 -29.51
C PHE A 191 18.24 25.01 -29.60
N GLY A 192 18.55 26.26 -29.28
CA GLY A 192 17.54 27.30 -29.29
C GLY A 192 16.83 27.42 -30.64
N GLY A 193 17.61 27.64 -31.70
CA GLY A 193 17.03 27.82 -33.02
C GLY A 193 17.48 26.84 -34.09
N SER A 194 18.03 25.70 -33.69
CA SER A 194 18.48 24.69 -34.63
C SER A 194 18.63 23.37 -33.88
N SER A 195 19.00 22.32 -34.60
CA SER A 195 19.10 20.99 -34.02
C SER A 195 20.32 20.30 -34.62
N MET A 196 20.47 19.02 -34.28
CA MET A 196 21.62 18.25 -34.70
C MET A 196 21.37 16.77 -34.46
N LEU A 197 21.69 15.95 -35.47
CA LEU A 197 21.71 14.50 -35.35
C LEU A 197 23.17 14.06 -35.28
N ALA A 198 23.50 13.24 -34.30
CA ALA A 198 24.88 12.80 -34.15
C ALA A 198 24.92 11.31 -33.86
N ALA A 199 26.05 10.70 -34.17
CA ALA A 199 26.33 9.32 -33.81
C ALA A 199 27.77 9.26 -33.31
N THR A 200 28.03 8.33 -32.38
CA THR A 200 29.33 8.25 -31.74
C THR A 200 29.91 6.85 -31.87
N ILE A 201 31.14 6.76 -32.34
CA ILE A 201 31.85 5.50 -32.51
C ILE A 201 32.90 5.43 -31.40
N ALA A 202 32.77 4.47 -30.50
CA ALA A 202 33.75 4.29 -29.44
C ALA A 202 34.26 2.86 -29.50
N TRP A 203 35.56 2.68 -29.26
CA TRP A 203 36.12 1.36 -29.38
C TRP A 203 37.38 1.25 -28.54
N ASP A 204 37.70 0.02 -28.12
CA ASP A 204 38.94 -0.27 -27.42
C ASP A 204 39.28 -1.72 -27.69
N ASP A 205 40.35 -1.97 -28.47
CA ASP A 205 40.73 -3.35 -28.78
C ASP A 205 40.99 -4.17 -27.52
N GLU A 206 41.49 -3.51 -26.45
CA GLU A 206 41.81 -4.24 -25.23
C GLU A 206 40.58 -4.86 -24.60
N LEU A 207 39.40 -4.28 -24.82
CA LEU A 207 38.15 -4.82 -24.31
C LEU A 207 37.41 -5.66 -25.35
N SER A 208 38.09 -6.07 -26.43
CA SER A 208 37.49 -6.89 -27.49
C SER A 208 36.25 -6.23 -28.08
N TRP A 209 36.26 -4.90 -28.15
CA TRP A 209 35.23 -4.13 -28.85
C TRP A 209 35.97 -3.27 -29.86
N THR A 210 36.18 -3.80 -31.06
CA THR A 210 37.04 -3.13 -32.01
C THR A 210 36.28 -2.04 -32.77
N LEU A 211 37.04 -1.20 -33.48
CA LEU A 211 36.44 -0.22 -34.37
C LEU A 211 35.45 -0.88 -35.34
N GLU A 212 35.80 -2.03 -35.88
CA GLU A 212 34.90 -2.74 -36.80
C GLU A 212 33.65 -3.22 -36.08
N ASN A 213 33.80 -3.76 -34.86
CA ASN A 213 32.64 -4.08 -34.03
C ASN A 213 31.73 -2.87 -33.87
N ALA A 214 32.33 -1.71 -33.52
CA ALA A 214 31.55 -0.53 -33.22
C ALA A 214 30.83 0.00 -34.45
N ILE A 215 31.54 0.09 -35.59
CA ILE A 215 30.92 0.58 -36.82
C ILE A 215 29.78 -0.34 -37.25
N GLU A 216 29.99 -1.65 -37.13
CA GLU A 216 28.96 -2.62 -37.51
C GLU A 216 27.71 -2.44 -36.66
N ALA A 217 27.89 -2.36 -35.33
CA ALA A 217 26.76 -2.11 -34.45
C ALA A 217 26.08 -0.81 -34.81
N LEU A 218 26.87 0.24 -35.07
CA LEU A 218 26.30 1.55 -35.37
C LEU A 218 25.53 1.55 -36.69
N GLN A 219 26.07 0.88 -37.72
CA GLN A 219 25.37 0.90 -39.02
C GLN A 219 24.01 0.21 -38.93
N GLU A 220 23.90 -0.82 -38.09
CA GLU A 220 22.63 -1.49 -37.92
C GLU A 220 21.62 -0.58 -37.23
N THR A 221 22.06 0.15 -36.19
CA THR A 221 21.17 1.10 -35.54
C THR A 221 20.78 2.24 -36.47
N MET A 222 21.73 2.72 -37.28
CA MET A 222 21.44 3.88 -38.14
C MET A 222 20.32 3.57 -39.14
N LEU A 223 20.32 2.37 -39.72
CA LEU A 223 19.26 2.02 -40.65
C LEU A 223 17.91 1.90 -39.95
N GLN A 224 17.91 1.80 -38.62
CA GLN A 224 16.68 1.71 -37.84
C GLN A 224 16.21 3.07 -37.33
N VAL A 225 17.02 4.11 -37.49
CA VAL A 225 16.64 5.44 -37.02
C VAL A 225 15.44 5.94 -37.81
N SER A 226 14.48 6.54 -37.13
CA SER A 226 13.32 7.09 -37.81
C SER A 226 13.45 8.60 -37.94
N SER A 227 13.08 9.11 -39.12
CA SER A 227 12.96 10.54 -39.37
C SER A 227 11.52 11.01 -39.42
N VAL A 228 10.56 10.14 -39.08
CA VAL A 228 9.18 10.58 -39.01
C VAL A 228 8.98 11.22 -37.65
N VAL A 229 9.51 12.44 -37.50
CA VAL A 229 9.52 13.16 -36.23
C VAL A 229 8.25 13.99 -36.18
N MET A 230 7.20 13.41 -35.62
CA MET A 230 5.96 14.12 -35.41
C MET A 230 6.09 15.05 -34.21
N LYS A 231 5.43 16.21 -34.32
CA LYS A 231 5.33 17.13 -33.19
C LYS A 231 4.13 16.72 -32.35
N LEU A 232 4.40 16.32 -31.11
CA LEU A 232 3.39 15.69 -30.29
C LEU A 232 2.58 16.71 -29.52
N ARG A 233 1.31 16.38 -29.31
CA ARG A 233 0.34 17.28 -28.68
C ARG A 233 -0.51 16.61 -27.61
N ASN A 234 -0.68 15.29 -27.62
CA ASN A 234 -1.79 14.64 -26.93
C ASN A 234 -1.61 14.66 -25.41
N ARG A 235 -2.73 14.87 -24.71
CA ARG A 235 -2.78 14.78 -23.26
C ARG A 235 -3.13 13.38 -22.77
N SER A 236 -3.91 12.63 -23.54
CA SER A 236 -4.34 11.30 -23.16
C SER A 236 -3.21 10.31 -23.42
N LEU A 237 -2.75 9.66 -22.37
CA LEU A 237 -1.77 8.59 -22.53
C LEU A 237 -2.41 7.25 -22.88
N GLY A 238 -3.73 7.16 -22.81
CA GLY A 238 -4.43 5.97 -23.25
C GLY A 238 -4.28 4.75 -22.36
N VAL A 239 -3.97 4.95 -21.08
CA VAL A 239 -3.85 3.87 -20.11
C VAL A 239 -4.92 4.08 -19.04
N SER A 240 -5.52 2.98 -18.59
CA SER A 240 -6.40 3.02 -17.44
C SER A 240 -5.63 2.53 -16.22
N VAL A 241 -5.73 3.27 -15.12
CA VAL A 241 -5.12 2.88 -13.86
C VAL A 241 -6.04 1.87 -13.20
N LEU A 242 -5.54 0.67 -12.92
CA LEU A 242 -6.35 -0.36 -12.28
C LEU A 242 -6.27 -0.33 -10.75
N SER A 243 -5.18 0.18 -10.19
CA SER A 243 -5.10 0.35 -8.74
C SER A 243 -3.95 1.29 -8.40
N LYS A 244 -4.05 1.91 -7.24
CA LYS A 244 -2.99 2.71 -6.65
C LYS A 244 -2.84 2.30 -5.19
N ASN A 245 -1.61 1.95 -4.80
CA ASN A 245 -1.25 1.55 -3.44
C ASN A 245 0.04 2.25 -3.08
N HIS A 246 0.27 2.48 -1.79
CA HIS A 246 1.50 3.11 -1.33
C HIS A 246 2.32 2.15 -0.48
N VAL A 247 3.64 2.22 -0.64
CA VAL A 247 4.58 1.62 0.30
C VAL A 247 5.40 2.76 0.91
N PRO A 248 5.23 3.08 2.19
CA PRO A 248 4.29 2.40 3.12
C PRO A 248 2.85 2.87 2.94
N THR A 249 1.88 2.04 3.35
CA THR A 249 0.51 2.51 3.45
C THR A 249 0.42 3.65 4.46
N LYS A 250 -0.68 4.41 4.38
CA LYS A 250 -0.89 5.49 5.34
C LYS A 250 -0.90 4.98 6.77
N GLY A 251 -1.35 3.74 6.97
CA GLY A 251 -1.39 3.17 8.31
C GLY A 251 -0.03 2.82 8.87
N ALA A 252 0.92 2.50 8.01
CA ALA A 252 2.29 2.28 8.46
C ALA A 252 3.10 3.57 8.49
N TYR A 253 2.70 4.56 7.70
CA TYR A 253 3.46 5.80 7.60
C TYR A 253 3.39 6.61 8.89
N PHE A 254 2.18 6.80 9.42
CA PHE A 254 2.03 7.61 10.64
C PHE A 254 2.91 7.13 11.79
N PRO A 255 2.92 5.84 12.17
CA PRO A 255 3.85 5.43 13.23
C PRO A 255 5.29 5.68 12.89
N ALA A 256 5.69 5.48 11.62
CA ALA A 256 7.07 5.72 11.22
C ALA A 256 7.46 7.18 11.44
N VAL A 257 6.59 8.10 11.01
CA VAL A 257 6.85 9.51 11.25
C VAL A 257 6.82 9.81 12.74
N GLU A 258 5.94 9.12 13.49
CA GLU A 258 5.90 9.28 14.94
C GLU A 258 7.23 8.88 15.56
N LYS A 259 7.78 7.74 15.15
CA LYS A 259 9.07 7.28 15.63
C LYS A 259 10.16 8.30 15.35
N ALA A 260 10.21 8.83 14.12
CA ALA A 260 11.21 9.83 13.77
C ALA A 260 11.07 11.07 14.64
N LEU A 261 9.83 11.51 14.85
CA LEU A 261 9.57 12.71 15.62
C LEU A 261 10.02 12.59 17.09
N GLU A 262 9.95 11.40 17.72
CA GLU A 262 10.49 11.37 19.09
C GLU A 262 12.00 11.33 19.09
N MET A 263 12.59 10.60 18.14
CA MET A 263 14.03 10.63 18.03
C MET A 263 14.52 12.08 17.98
N ILE A 264 13.85 12.91 17.18
CA ILE A 264 14.22 14.31 17.04
C ILE A 264 14.02 15.05 18.35
N ASN A 265 12.85 14.89 18.97
CA ASN A 265 12.50 15.78 20.08
C ASN A 265 13.11 15.32 21.41
N GLN A 266 13.36 14.02 21.55
CA GLN A 266 14.03 13.53 22.74
C GLN A 266 15.54 13.67 22.58
N LYS A 267 16.26 13.51 23.69
CA LYS A 267 17.69 13.79 23.75
C LYS A 267 18.53 12.52 23.75
N SER A 268 17.93 11.40 23.37
CA SER A 268 18.64 10.16 23.15
C SER A 268 19.25 10.11 21.76
N SER A 269 18.52 10.64 20.74
CA SER A 269 18.94 10.67 19.36
C SER A 269 19.33 12.08 18.95
N PRO A 270 20.51 12.26 18.33
CA PRO A 270 20.88 13.59 17.82
C PRO A 270 20.09 14.03 16.59
N LEU A 271 19.20 13.19 16.05
CA LEU A 271 18.56 13.47 14.78
C LEU A 271 17.86 14.83 14.81
N ASN A 272 18.12 15.63 13.78
CA ASN A 272 17.36 16.87 13.60
C ASN A 272 16.47 16.85 12.36
N ARG A 273 16.84 16.07 11.35
CA ARG A 273 16.11 16.06 10.10
C ARG A 273 16.30 14.70 9.46
N VAL A 274 15.21 14.06 9.08
CA VAL A 274 15.30 12.85 8.24
C VAL A 274 14.25 12.94 7.15
N VAL A 275 14.66 12.64 5.92
CA VAL A 275 13.74 12.58 4.78
C VAL A 275 13.23 11.15 4.64
N LEU A 276 11.92 10.98 4.76
CA LEU A 276 11.26 9.69 4.67
C LEU A 276 10.40 9.66 3.41
N ALA A 277 10.55 8.61 2.62
CA ALA A 277 9.96 8.62 1.28
C ALA A 277 8.88 7.56 1.16
N ARG A 278 8.07 7.69 0.10
CA ARG A 278 6.97 6.78 -0.18
C ARG A 278 7.01 6.39 -1.66
N ASN A 279 6.79 5.10 -1.93
CA ASN A 279 6.68 4.53 -3.27
C ASN A 279 5.19 4.32 -3.56
N SER A 280 4.64 5.16 -4.45
CA SER A 280 3.25 5.01 -4.87
C SER A 280 3.21 4.17 -6.14
N ARG A 281 2.58 3.00 -6.04
CA ARG A 281 2.54 2.03 -7.13
C ARG A 281 1.21 2.14 -7.87
N ILE A 282 1.27 2.32 -9.19
CA ILE A 282 0.06 2.30 -10.00
C ILE A 282 0.15 1.13 -10.98
N ILE A 283 -0.91 0.34 -11.03
CA ILE A 283 -1.01 -0.78 -11.97
C ILE A 283 -1.87 -0.33 -13.14
N THR A 284 -1.39 -0.57 -14.36
CA THR A 284 -2.13 -0.18 -15.56
C THR A 284 -2.48 -1.43 -16.38
N ASP A 285 -3.56 -1.33 -17.15
CA ASP A 285 -3.92 -2.43 -18.04
C ASP A 285 -2.88 -2.57 -19.16
N THR A 286 -2.64 -1.50 -19.90
CA THR A 286 -1.66 -1.48 -20.98
C THR A 286 -0.42 -0.70 -20.55
N ASP A 287 0.65 -0.84 -21.33
CA ASP A 287 1.93 -0.26 -20.94
C ASP A 287 1.91 1.27 -21.07
N ILE A 288 2.30 1.95 -20.00
CA ILE A 288 2.60 3.37 -20.06
C ILE A 288 3.79 3.60 -21.00
N ASP A 289 3.64 4.55 -21.93
CA ASP A 289 4.78 5.04 -22.73
C ASP A 289 5.53 6.08 -21.90
N PRO A 290 6.74 5.76 -21.42
CA PRO A 290 7.42 6.71 -20.51
C PRO A 290 7.90 7.96 -21.21
N ILE A 291 8.21 7.89 -22.50
CA ILE A 291 8.63 9.07 -23.24
C ILE A 291 7.44 10.00 -23.46
N ALA A 292 6.29 9.44 -23.86
CA ALA A 292 5.08 10.25 -23.96
C ALA A 292 4.74 10.92 -22.64
N TRP A 293 4.82 10.16 -21.54
CA TRP A 293 4.54 10.73 -20.22
C TRP A 293 5.48 11.89 -19.93
N LEU A 294 6.78 11.66 -20.10
CA LEU A 294 7.79 12.70 -19.91
C LEU A 294 7.53 13.91 -20.80
N ALA A 295 7.19 13.67 -22.08
CA ALA A 295 6.88 14.76 -23.00
C ALA A 295 5.77 15.65 -22.44
N GLN A 296 4.76 15.05 -21.82
CA GLN A 296 3.65 15.82 -21.27
C GLN A 296 4.08 16.59 -20.02
N LEU A 297 4.96 16.02 -19.21
CA LEU A 297 5.49 16.78 -18.07
C LEU A 297 6.32 17.97 -18.54
N GLN A 298 6.99 17.84 -19.69
CA GLN A 298 7.91 18.88 -20.14
C GLN A 298 7.19 20.13 -20.62
N ARG A 299 6.16 19.97 -21.45
CA ARG A 299 5.40 21.13 -21.91
C ARG A 299 4.73 21.86 -20.75
N GLU A 300 4.44 21.15 -19.65
CA GLU A 300 3.87 21.73 -18.45
C GLU A 300 4.89 21.91 -17.34
N GLY A 301 6.15 21.60 -17.58
CA GLY A 301 7.16 21.72 -16.55
C GLY A 301 8.09 22.89 -16.77
N HIS A 302 7.95 23.93 -15.96
CA HIS A 302 8.73 25.15 -16.09
C HIS A 302 9.84 25.17 -15.04
N ASP A 303 11.05 25.54 -15.48
CA ASP A 303 12.20 25.67 -14.57
C ASP A 303 12.52 24.33 -13.92
N ALA A 304 12.49 23.26 -14.72
CA ALA A 304 12.73 21.93 -14.20
C ALA A 304 13.62 21.15 -15.15
N TYR A 305 14.28 20.14 -14.60
CA TYR A 305 15.02 19.17 -15.39
C TYR A 305 14.08 18.04 -15.78
N GLN A 306 14.11 17.65 -17.06
CA GLN A 306 13.48 16.43 -17.51
C GLN A 306 14.56 15.41 -17.83
N PHE A 307 14.29 14.15 -17.49
CA PHE A 307 15.30 13.12 -17.73
C PHE A 307 14.65 11.77 -17.95
N CYS A 308 15.36 10.91 -18.69
CA CYS A 308 15.01 9.52 -18.83
C CYS A 308 16.31 8.74 -18.76
N LEU A 309 16.31 7.65 -17.99
CA LEU A 309 17.43 6.72 -18.01
C LEU A 309 16.86 5.32 -18.06
N GLN A 310 17.16 4.57 -19.11
CA GLN A 310 16.59 3.24 -19.28
C GLN A 310 17.66 2.32 -19.82
N PRO A 311 18.37 1.62 -18.94
CA PRO A 311 19.37 0.65 -19.37
C PRO A 311 18.72 -0.49 -20.15
N PRO A 312 19.50 -1.32 -20.85
CA PRO A 312 18.91 -2.37 -21.67
C PRO A 312 18.09 -3.32 -20.82
N GLY A 313 16.88 -3.64 -21.29
CA GLY A 313 16.01 -4.56 -20.59
C GLY A 313 15.44 -4.04 -19.29
N ALA A 314 15.58 -2.75 -19.02
CA ALA A 314 15.20 -2.17 -17.74
C ALA A 314 13.91 -1.36 -17.85
N PRO A 315 13.22 -1.13 -16.75
CA PRO A 315 12.20 -0.09 -16.74
C PRO A 315 12.84 1.27 -16.97
N ALA A 316 12.01 2.24 -17.34
CA ALA A 316 12.47 3.59 -17.62
C ALA A 316 12.37 4.45 -16.38
N PHE A 317 13.50 5.03 -15.95
CA PHE A 317 13.54 5.99 -14.85
C PHE A 317 13.41 7.39 -15.45
N ILE A 318 12.31 8.07 -15.14
CA ILE A 318 12.01 9.38 -15.70
C ILE A 318 11.68 10.34 -14.57
N GLY A 319 11.85 11.62 -14.85
CA GLY A 319 11.54 12.60 -13.83
C GLY A 319 11.43 13.98 -14.41
N ASN A 320 10.85 14.87 -13.59
CA ASN A 320 10.69 16.28 -13.93
C ASN A 320 10.99 17.01 -12.62
N THR A 321 12.29 17.28 -12.38
CA THR A 321 12.72 17.71 -11.05
C THR A 321 13.23 19.15 -11.05
N PRO A 322 12.87 19.92 -10.01
CA PRO A 322 13.36 21.30 -9.93
C PRO A 322 14.78 21.43 -9.41
N GLU A 323 15.34 20.36 -8.84
CA GLU A 323 16.48 20.49 -7.94
C GLU A 323 17.78 20.15 -8.64
N ARG A 324 18.70 21.10 -8.66
CA ARG A 324 20.06 20.88 -9.14
C ARG A 324 20.92 20.30 -8.02
N LEU A 325 21.69 19.27 -8.34
CA LEU A 325 22.76 18.85 -7.44
C LEU A 325 23.99 19.73 -7.63
N PHE A 326 24.55 19.72 -8.85
CA PHE A 326 25.56 20.72 -9.20
C PHE A 326 25.64 20.85 -10.71
N GLN A 327 26.05 22.04 -11.14
CA GLN A 327 26.44 22.30 -12.51
C GLN A 327 27.88 22.78 -12.53
N ARG A 328 28.68 22.28 -13.47
CA ARG A 328 30.06 22.73 -13.63
C ARG A 328 30.29 23.24 -15.05
N THR A 329 30.80 24.46 -15.14
CA THR A 329 31.25 25.04 -16.40
C THR A 329 32.71 25.43 -16.22
N GLN A 330 33.61 24.66 -16.84
CA GLN A 330 35.04 24.83 -16.64
C GLN A 330 35.35 24.81 -15.14
N LEU A 331 35.74 25.96 -14.58
CA LEU A 331 36.11 26.00 -13.16
C LEU A 331 34.97 26.45 -12.25
N GLY A 332 33.87 26.98 -12.81
CA GLY A 332 32.76 27.41 -11.98
C GLY A 332 31.83 26.26 -11.63
N VAL A 333 31.51 26.12 -10.34
CA VAL A 333 30.57 25.10 -9.87
C VAL A 333 29.40 25.81 -9.21
N CYS A 334 28.18 25.33 -9.47
CA CYS A 334 26.97 25.88 -8.86
C CYS A 334 26.11 24.78 -8.25
N SER A 335 25.56 25.03 -7.05
CA SER A 335 24.63 24.09 -6.44
C SER A 335 23.53 24.92 -5.79
N GLU A 336 22.67 24.27 -5.00
CA GLU A 336 21.55 24.96 -4.34
C GLU A 336 21.06 24.17 -3.13
N ALA A 337 20.45 24.89 -2.22
CA ALA A 337 19.78 24.34 -1.04
C ALA A 337 18.28 24.51 -1.27
N LEU A 338 17.57 23.40 -1.38
CA LEU A 338 16.11 23.43 -1.63
C LEU A 338 15.49 22.60 -0.53
N ALA A 339 14.87 23.27 0.41
CA ALA A 339 14.28 22.55 1.55
C ALA A 339 13.04 23.29 2.05
N ALA A 340 12.21 22.55 2.76
CA ALA A 340 10.88 22.91 3.29
C ALA A 340 9.80 22.88 2.20
N THR A 341 8.62 22.52 2.60
CA THR A 341 7.55 22.45 1.61
C THR A 341 6.27 22.90 2.29
N ARG A 342 5.69 23.87 1.66
CA ARG A 342 4.33 24.32 1.99
C ARG A 342 3.66 24.21 0.65
N PRO A 343 2.23 23.90 0.44
CA PRO A 343 1.52 23.87 -0.81
C PRO A 343 1.37 25.25 -1.44
N ARG A 344 1.14 25.25 -2.74
CA ARG A 344 0.58 26.43 -3.38
C ARG A 344 -0.90 26.52 -3.02
N ALA A 345 -1.44 27.72 -3.07
CA ALA A 345 -2.85 27.93 -2.77
C ALA A 345 -3.58 28.39 -4.02
N ALA A 346 -4.86 28.02 -4.10
CA ALA A 346 -5.66 28.38 -5.27
C ALA A 346 -5.82 29.88 -5.38
N SER A 347 -6.12 30.55 -4.27
CA SER A 347 -6.32 31.99 -4.23
C SER A 347 -5.00 32.72 -4.03
N SER A 348 -4.89 33.90 -4.65
CA SER A 348 -3.66 34.67 -4.59
C SER A 348 -3.32 35.09 -3.16
N ALA A 349 -4.33 35.46 -2.35
CA ALA A 349 -4.01 35.94 -1.01
C ALA A 349 -3.53 34.81 -0.10
N ARG A 350 -4.15 33.63 -0.20
CA ARG A 350 -3.67 32.49 0.57
C ARG A 350 -2.26 32.09 0.15
N ASP A 351 -1.99 32.11 -1.16
CA ASP A 351 -0.67 31.73 -1.63
C ASP A 351 0.41 32.64 -1.04
N MET A 352 0.12 33.94 -0.99
CA MET A 352 1.09 34.92 -0.49
C MET A 352 1.27 34.76 1.02
N GLU A 353 0.19 34.43 1.73
CA GLU A 353 0.26 34.24 3.17
C GLU A 353 1.08 33.02 3.51
N ILE A 354 0.89 31.93 2.77
CA ILE A 354 1.72 30.75 2.95
C ILE A 354 3.18 31.07 2.67
N GLU A 355 3.43 31.82 1.59
CA GLU A 355 4.79 32.20 1.25
C GLU A 355 5.44 33.03 2.35
N ARG A 356 4.71 34.00 2.90
CA ARG A 356 5.27 34.84 3.96
C ARG A 356 5.55 34.01 5.22
N ASP A 357 4.64 33.10 5.57
CA ASP A 357 4.87 32.16 6.66
C ASP A 357 6.21 31.47 6.53
N LEU A 358 6.47 30.91 5.34
CA LEU A 358 7.74 30.24 5.05
C LEU A 358 8.91 31.19 5.22
N LEU A 359 8.78 32.42 4.73
CA LEU A 359 9.89 33.36 4.74
C LEU A 359 10.15 33.95 6.12
N THR A 360 9.15 33.93 7.01
CA THR A 360 9.29 34.59 8.31
C THR A 360 9.41 33.64 9.49
N SER A 361 9.03 32.38 9.35
CA SER A 361 9.00 31.47 10.48
C SER A 361 10.41 31.25 11.04
N PRO A 362 10.66 31.58 12.33
CA PRO A 362 11.97 31.26 12.92
C PRO A 362 12.34 29.79 12.81
N LYS A 363 11.37 28.90 12.99
CA LYS A 363 11.63 27.47 12.91
C LYS A 363 12.09 27.08 11.51
N ASP A 364 11.38 27.55 10.48
CA ASP A 364 11.77 27.23 9.10
C ASP A 364 13.11 27.84 8.76
N ASP A 365 13.39 29.03 9.28
CA ASP A 365 14.68 29.67 9.03
C ASP A 365 15.81 28.79 9.55
N LEU A 366 15.64 28.27 10.77
CA LEU A 366 16.67 27.41 11.37
C LEU A 366 16.80 26.10 10.62
N GLU A 367 15.67 25.48 10.28
CA GLU A 367 15.68 24.22 9.56
C GLU A 367 16.28 24.40 8.16
N PHE A 368 15.97 25.51 7.49
CA PHE A 368 16.56 25.71 6.17
C PHE A 368 18.05 26.00 6.26
N SER A 369 18.45 26.76 7.29
CA SER A 369 19.84 27.13 7.47
C SER A 369 20.75 25.93 7.66
N ILE A 370 20.28 24.90 8.38
CA ILE A 370 21.21 23.78 8.58
C ILE A 370 21.42 23.04 7.26
N VAL A 371 20.45 23.08 6.34
CA VAL A 371 20.65 22.54 5.00
C VAL A 371 21.59 23.43 4.20
N ARG A 372 21.25 24.71 4.07
CA ARG A 372 22.08 25.63 3.28
C ARG A 372 23.52 25.63 3.77
N GLU A 373 23.73 25.74 5.08
CA GLU A 373 25.08 25.87 5.60
C GLU A 373 25.87 24.58 5.43
N ASN A 374 25.21 23.43 5.51
CA ASN A 374 25.89 22.16 5.29
C ASN A 374 26.36 22.06 3.83
N ILE A 375 25.52 22.44 2.87
CA ILE A 375 25.92 22.44 1.46
C ILE A 375 27.00 23.50 1.21
N ARG A 376 26.84 24.68 1.81
CA ARG A 376 27.85 25.73 1.66
C ARG A 376 29.24 25.23 2.04
N GLU A 377 29.32 24.50 3.15
CA GLU A 377 30.63 24.10 3.62
C GLU A 377 31.22 22.95 2.81
N LYS A 378 30.37 22.04 2.30
CA LYS A 378 30.83 21.09 1.29
C LYS A 378 31.55 21.81 0.15
N LEU A 379 30.92 22.83 -0.42
CA LEU A 379 31.57 23.61 -1.47
C LEU A 379 32.79 24.33 -0.94
N ASN A 380 32.70 24.90 0.27
CA ASN A 380 33.81 25.65 0.85
C ASN A 380 35.04 24.77 1.06
N GLY A 381 34.86 23.48 1.32
CA GLY A 381 36.03 22.61 1.47
C GLY A 381 36.81 22.39 0.19
N ILE A 382 36.22 22.67 -0.97
CA ILE A 382 36.83 22.40 -2.26
C ILE A 382 37.16 23.67 -3.01
N CYS A 383 36.24 24.63 -3.00
CA CYS A 383 36.41 25.91 -3.68
C CYS A 383 37.15 26.89 -2.77
N ASP A 384 37.89 27.81 -3.39
CA ASP A 384 38.54 28.85 -2.59
C ASP A 384 37.52 29.62 -1.76
N ARG A 385 36.53 30.21 -2.43
CA ARG A 385 35.46 30.89 -1.72
C ARG A 385 34.13 30.61 -2.41
N VAL A 386 33.08 30.64 -1.62
CA VAL A 386 31.73 30.32 -2.03
C VAL A 386 30.89 31.59 -1.99
N VAL A 387 30.01 31.74 -2.96
CA VAL A 387 29.02 32.81 -2.96
C VAL A 387 27.66 32.16 -2.67
N VAL A 388 26.87 32.83 -1.85
CA VAL A 388 25.52 32.38 -1.50
C VAL A 388 24.56 33.49 -1.89
N LYS A 389 23.60 33.16 -2.76
CA LYS A 389 22.70 34.20 -3.24
C LYS A 389 21.41 33.61 -3.80
N PRO A 390 20.25 33.92 -3.19
CA PRO A 390 20.13 34.70 -1.96
C PRO A 390 20.40 33.82 -0.76
N GLN A 391 20.40 34.40 0.43
CA GLN A 391 20.45 33.58 1.64
C GLN A 391 19.20 32.74 1.78
N LYS A 392 18.06 33.30 1.40
CA LYS A 392 16.78 32.62 1.61
C LYS A 392 15.73 33.32 0.76
N THR A 393 15.08 32.56 -0.11
CA THR A 393 13.86 33.00 -0.80
C THR A 393 12.94 31.80 -0.91
N VAL A 394 11.78 32.02 -1.51
CA VAL A 394 10.83 30.96 -1.76
C VAL A 394 10.82 30.71 -3.26
N ARG A 395 11.10 29.48 -3.66
CA ARG A 395 10.98 29.06 -5.04
C ARG A 395 9.60 28.45 -5.22
N LYS A 396 8.80 29.03 -6.11
CA LYS A 396 7.41 28.63 -6.29
C LYS A 396 7.32 27.70 -7.49
N LEU A 397 6.80 26.50 -7.28
CA LEU A 397 6.53 25.60 -8.40
C LEU A 397 5.03 25.48 -8.59
N ALA A 398 4.61 24.48 -9.36
CA ALA A 398 3.22 24.38 -9.80
C ALA A 398 2.28 24.11 -8.63
N ARG A 399 2.61 23.16 -7.75
CA ARG A 399 1.72 22.86 -6.64
C ARG A 399 2.37 22.97 -5.26
N VAL A 400 3.69 23.11 -5.17
CA VAL A 400 4.37 23.31 -3.90
C VAL A 400 5.30 24.51 -4.03
N GLN A 401 5.79 24.98 -2.89
CA GLN A 401 6.83 26.00 -2.85
C GLN A 401 7.80 25.66 -1.73
N HIS A 402 9.08 25.96 -1.97
CA HIS A 402 10.18 25.59 -1.11
C HIS A 402 11.00 26.82 -0.76
N LEU A 403 11.68 26.76 0.38
CA LEU A 403 12.75 27.72 0.64
C LEU A 403 13.95 27.35 -0.22
N TYR A 404 14.80 28.34 -0.50
CA TYR A 404 15.72 28.17 -1.62
C TYR A 404 16.91 29.11 -1.48
N SER A 405 18.06 28.63 -1.96
CA SER A 405 19.25 29.45 -1.96
C SER A 405 20.22 28.85 -2.96
N GLN A 406 20.89 29.70 -3.73
CA GLN A 406 21.88 29.27 -4.70
C GLN A 406 23.27 29.48 -4.13
N LEU A 407 24.18 28.55 -4.41
CA LEU A 407 25.54 28.59 -3.88
C LEU A 407 26.49 28.26 -5.01
N ALA A 408 27.54 29.07 -5.15
CA ALA A 408 28.46 28.92 -6.25
C ALA A 408 29.89 29.13 -5.75
N GLY A 409 30.83 28.46 -6.40
CA GLY A 409 32.23 28.56 -6.01
C GLY A 409 33.10 28.27 -7.21
N ARG A 410 34.39 28.54 -7.07
CA ARG A 410 35.37 28.33 -8.13
C ARG A 410 36.31 27.21 -7.74
N LEU A 411 36.45 26.22 -8.62
CA LEU A 411 37.43 25.16 -8.43
C LEU A 411 38.82 25.68 -8.70
N THR A 412 39.81 25.05 -8.06
CA THR A 412 41.19 25.33 -8.44
C THR A 412 41.58 24.61 -9.73
N LYS A 413 41.01 23.43 -9.96
CA LYS A 413 41.29 22.63 -11.16
C LYS A 413 40.02 21.93 -11.58
N GLU A 414 39.90 21.67 -12.89
CA GLU A 414 38.69 21.04 -13.40
C GLU A 414 38.55 19.60 -12.91
N ASP A 415 39.67 18.94 -12.60
CA ASP A 415 39.64 17.58 -12.09
C ASP A 415 39.04 17.49 -10.69
N ASP A 416 38.81 18.62 -10.03
CA ASP A 416 38.09 18.60 -8.75
C ASP A 416 36.59 18.35 -8.93
N GLU A 417 36.15 18.08 -10.16
CA GLU A 417 34.75 17.75 -10.40
C GLU A 417 34.31 16.56 -9.58
N TYR A 418 35.16 15.52 -9.49
CA TYR A 418 34.78 14.33 -8.73
C TYR A 418 34.59 14.65 -7.26
N LYS A 419 35.46 15.50 -6.70
CA LYS A 419 35.34 15.89 -5.30
C LYS A 419 33.99 16.57 -5.03
N ILE A 420 33.55 17.43 -5.96
CA ILE A 420 32.26 18.09 -5.82
C ILE A 420 31.17 17.05 -5.71
N LEU A 421 31.15 16.13 -6.66
CA LEU A 421 30.12 15.09 -6.71
C LEU A 421 30.14 14.24 -5.45
N ALA A 422 31.33 13.80 -5.01
CA ALA A 422 31.42 12.96 -3.82
C ALA A 422 31.05 13.72 -2.56
N ALA A 423 31.35 15.02 -2.51
CA ALA A 423 30.98 15.79 -1.32
C ALA A 423 29.48 16.05 -1.27
N LEU A 424 28.86 16.33 -2.42
CA LEU A 424 27.49 16.84 -2.36
C LEU A 424 26.48 15.72 -2.26
N HIS A 425 26.66 14.62 -2.99
CA HIS A 425 25.62 13.60 -2.94
C HIS A 425 25.79 12.72 -1.71
N PRO A 426 24.74 12.53 -0.90
CA PRO A 426 23.46 13.25 -0.97
C PRO A 426 23.49 14.47 -0.04
N THR A 427 22.68 15.50 -0.29
CA THR A 427 22.61 16.62 0.65
C THR A 427 21.54 16.34 1.69
N PRO A 428 21.46 17.17 2.74
CA PRO A 428 20.41 16.94 3.74
C PRO A 428 19.02 17.09 3.17
N ALA A 429 18.88 17.71 2.00
CA ALA A 429 17.57 17.86 1.38
C ALA A 429 16.90 16.50 1.08
N VAL A 430 17.68 15.45 0.81
CA VAL A 430 17.09 14.16 0.52
C VAL A 430 17.50 13.08 1.52
N CYS A 431 18.38 13.40 2.47
CA CYS A 431 18.84 12.39 3.41
C CYS A 431 18.59 12.92 4.82
N GLY A 432 19.48 13.72 5.39
CA GLY A 432 19.13 14.47 6.60
C GLY A 432 20.34 14.74 7.47
N LEU A 433 20.04 15.12 8.73
CA LEU A 433 21.07 15.60 9.67
C LEU A 433 20.84 15.12 11.11
N PRO A 434 21.86 14.54 11.78
CA PRO A 434 23.18 14.23 11.20
C PRO A 434 23.06 13.20 10.08
N ALA A 435 23.92 13.31 9.07
CA ALA A 435 23.80 12.46 7.90
C ALA A 435 23.81 10.98 8.29
N GLU A 436 24.77 10.59 9.14
CA GLU A 436 24.91 9.20 9.57
C GLU A 436 23.63 8.66 10.18
N GLU A 437 23.11 9.35 11.20
CA GLU A 437 21.90 8.89 11.88
C GLU A 437 20.68 8.94 10.96
N ALA A 438 20.62 9.91 10.03
CA ALA A 438 19.50 9.98 9.11
C ALA A 438 19.54 8.84 8.10
N ARG A 439 20.72 8.60 7.53
CA ARG A 439 20.87 7.59 6.50
C ARG A 439 20.53 6.20 7.01
N LEU A 440 20.78 5.94 8.28
CA LEU A 440 20.51 4.62 8.84
C LEU A 440 19.07 4.48 9.31
N LEU A 441 18.43 5.56 9.74
CA LEU A 441 16.99 5.53 9.96
C LEU A 441 16.23 5.29 8.65
N ILE A 442 16.69 5.90 7.54
CA ILE A 442 16.06 5.64 6.25
C ILE A 442 16.16 4.17 5.90
N LYS A 443 17.38 3.60 6.05
CA LYS A 443 17.61 2.19 5.78
C LYS A 443 16.68 1.28 6.58
N GLU A 444 16.35 1.65 7.81
CA GLU A 444 15.55 0.79 8.68
C GLU A 444 14.05 1.06 8.55
N ILE A 445 13.64 2.30 8.27
CA ILE A 445 12.21 2.58 8.18
C ILE A 445 11.66 2.24 6.79
N GLU A 446 12.41 2.54 5.73
CA GLU A 446 11.88 2.34 4.39
C GLU A 446 12.05 0.89 3.98
N SER A 447 10.96 0.28 3.52
CA SER A 447 10.98 -1.13 3.14
C SER A 447 11.14 -1.33 1.65
N PHE A 448 11.10 -0.27 0.86
CA PHE A 448 11.37 -0.35 -0.57
C PHE A 448 12.74 0.24 -0.88
N ASP A 449 13.25 -0.10 -2.07
CA ASP A 449 14.52 0.42 -2.58
C ASP A 449 14.26 1.76 -3.25
N ARG A 450 14.96 2.80 -2.81
CA ARG A 450 14.91 4.08 -3.52
C ARG A 450 15.55 3.99 -4.90
N GLY A 451 16.53 3.11 -5.06
CA GLY A 451 17.24 3.03 -6.33
C GLY A 451 17.91 4.36 -6.64
N MET A 452 17.59 4.90 -7.81
CA MET A 452 18.15 6.15 -8.26
C MET A 452 17.25 7.35 -7.97
N TYR A 453 16.03 7.12 -7.47
CA TYR A 453 15.28 8.21 -6.88
C TYR A 453 16.11 8.87 -5.78
N ALA A 454 16.12 10.21 -5.78
CA ALA A 454 16.93 11.08 -4.93
C ALA A 454 18.43 10.92 -5.17
N GLY A 455 18.82 10.28 -6.27
CA GLY A 455 20.22 10.18 -6.65
C GLY A 455 20.60 11.18 -7.72
N PRO A 456 21.91 11.35 -7.98
CA PRO A 456 22.32 12.26 -9.06
C PRO A 456 21.87 11.72 -10.40
N ILE A 457 21.38 12.61 -11.26
CA ILE A 457 20.99 12.21 -12.61
C ILE A 457 21.35 13.36 -13.54
N GLY A 458 22.08 13.06 -14.62
CA GLY A 458 22.54 14.08 -15.54
C GLY A 458 23.63 13.58 -16.47
N PHE A 459 24.73 14.33 -16.58
CA PHE A 459 25.77 13.92 -17.52
C PHE A 459 27.13 14.48 -17.13
N PHE A 460 28.17 13.74 -17.52
CA PHE A 460 29.54 14.23 -17.56
C PHE A 460 29.90 14.68 -18.96
N GLY A 461 30.53 15.85 -19.07
CA GLY A 461 31.17 16.26 -20.30
C GLY A 461 32.55 16.81 -20.04
N GLY A 462 33.30 17.03 -21.12
CA GLY A 462 34.67 17.49 -21.02
C GLY A 462 34.82 18.78 -20.25
N GLU A 463 34.18 19.84 -20.72
CA GLU A 463 34.22 21.13 -20.06
C GLU A 463 32.95 21.45 -19.30
N GLU A 464 31.95 20.60 -19.37
CA GLU A 464 30.68 20.91 -18.72
C GLU A 464 30.08 19.62 -18.20
N SER A 465 29.62 19.65 -16.96
CA SER A 465 28.81 18.58 -16.42
C SER A 465 27.67 19.19 -15.61
N GLU A 466 26.59 18.44 -15.49
CA GLU A 466 25.43 18.93 -14.75
C GLU A 466 24.63 17.75 -14.23
N PHE A 467 24.27 17.81 -12.95
CA PHE A 467 23.48 16.76 -12.32
C PHE A 467 22.30 17.36 -11.59
N ALA A 468 21.11 16.88 -11.93
CA ALA A 468 19.93 17.10 -11.11
C ALA A 468 19.92 16.13 -9.94
N VAL A 469 19.05 16.40 -8.97
CA VAL A 469 18.71 15.43 -7.94
C VAL A 469 17.46 14.70 -8.44
N GLY A 470 17.59 13.37 -8.52
CA GLY A 470 16.57 12.44 -9.04
C GLY A 470 15.27 12.36 -8.26
N ILE A 471 14.77 13.51 -7.78
CA ILE A 471 13.44 13.51 -7.08
C ILE A 471 12.34 13.80 -8.12
N ARG A 472 11.07 13.81 -7.70
CA ARG A 472 9.96 14.11 -8.61
C ARG A 472 10.02 13.20 -9.84
N SER A 473 10.16 11.91 -9.58
CA SER A 473 10.50 10.95 -10.61
C SER A 473 9.66 9.70 -10.42
N ALA A 474 9.78 8.79 -11.40
CA ALA A 474 9.02 7.56 -11.45
C ALA A 474 9.81 6.49 -12.20
N LEU A 475 9.60 5.24 -11.81
CA LEU A 475 10.11 4.08 -12.52
C LEU A 475 8.95 3.43 -13.29
N VAL A 476 9.09 3.32 -14.60
CA VAL A 476 7.98 2.88 -15.47
C VAL A 476 8.33 1.53 -16.07
N GLU A 477 7.53 0.51 -15.72
CA GLU A 477 7.83 -0.88 -16.05
C GLU A 477 6.75 -1.44 -16.95
N LYS A 478 7.17 -1.95 -18.11
CA LYS A 478 6.25 -2.58 -19.04
C LYS A 478 5.60 -3.80 -18.41
N GLY A 479 4.34 -3.97 -18.74
CA GLY A 479 3.61 -5.11 -18.22
C GLY A 479 3.27 -4.97 -16.76
N LEU A 480 3.57 -3.85 -16.10
CA LEU A 480 3.29 -3.69 -14.65
C LEU A 480 2.56 -2.37 -14.39
N GLY A 481 3.24 -1.28 -14.65
CA GLY A 481 2.74 0.08 -14.44
C GLY A 481 3.87 1.01 -14.08
N ALA A 482 3.81 1.60 -12.90
CA ALA A 482 4.83 2.58 -12.52
C ALA A 482 4.96 2.72 -11.00
N LEU A 483 6.16 3.03 -10.55
CA LEU A 483 6.48 3.37 -9.15
C LEU A 483 6.74 4.89 -9.14
N ILE A 484 6.00 5.67 -8.35
CA ILE A 484 6.11 7.11 -8.28
C ILE A 484 6.60 7.48 -6.88
N TYR A 485 7.70 8.23 -6.81
CA TYR A 485 8.43 8.43 -5.57
C TYR A 485 8.29 9.85 -5.04
N ALA A 486 8.23 9.98 -3.72
CA ALA A 486 8.24 11.29 -3.11
C ALA A 486 8.68 11.15 -1.66
N GLY A 487 9.30 12.22 -1.15
CA GLY A 487 9.72 12.27 0.23
C GLY A 487 9.42 13.65 0.82
N THR A 488 9.48 13.73 2.14
CA THR A 488 9.41 15.00 2.85
C THR A 488 10.42 15.00 3.99
N GLY A 489 10.89 16.20 4.35
CA GLY A 489 11.78 16.36 5.47
C GLY A 489 11.02 16.34 6.78
N ILE A 490 11.21 15.29 7.57
CA ILE A 490 10.65 15.24 8.91
C ILE A 490 11.60 15.97 9.85
N VAL A 491 11.11 17.03 10.51
CA VAL A 491 11.87 17.83 11.45
C VAL A 491 10.99 18.07 12.67
N ALA A 492 11.59 18.65 13.70
CA ALA A 492 10.83 18.98 14.91
C ALA A 492 9.58 19.78 14.57
N GLY A 493 8.43 19.23 14.95
CA GLY A 493 7.16 19.89 14.67
C GLY A 493 6.50 19.51 13.36
N SER A 494 7.01 18.50 12.65
CA SER A 494 6.35 17.99 11.45
C SER A 494 5.04 17.30 11.84
N ASP A 495 4.01 17.48 11.02
CA ASP A 495 2.72 16.86 11.30
C ASP A 495 2.49 15.71 10.32
N PRO A 496 2.31 14.48 10.82
CA PRO A 496 2.20 13.32 9.92
C PRO A 496 1.13 13.46 8.86
N SER A 497 -0.08 13.85 9.26
CA SER A 497 -1.15 14.06 8.30
C SER A 497 -0.76 15.09 7.26
N SER A 498 -0.14 16.19 7.71
CA SER A 498 0.27 17.24 6.78
C SER A 498 1.36 16.76 5.83
N GLU A 499 2.28 15.92 6.31
CA GLU A 499 3.34 15.43 5.45
C GLU A 499 2.81 14.42 4.42
N TRP A 500 1.92 13.54 4.86
CA TRP A 500 1.27 12.62 3.92
C TRP A 500 0.61 13.37 2.78
N ASN A 501 -0.17 14.42 3.10
CA ASN A 501 -0.77 15.22 2.05
C ASN A 501 0.28 15.82 1.13
N GLU A 502 1.44 16.14 1.69
CA GLU A 502 2.50 16.76 0.91
C GLU A 502 3.11 15.76 -0.08
N LEU A 503 3.23 14.49 0.33
CA LEU A 503 3.66 13.45 -0.60
C LEU A 503 2.71 13.33 -1.79
N ASP A 504 1.39 13.46 -1.54
CA ASP A 504 0.43 13.41 -2.64
C ASP A 504 0.60 14.59 -3.58
N LEU A 505 0.86 15.79 -3.02
CA LEU A 505 1.07 16.96 -3.85
C LEU A 505 2.30 16.82 -4.72
N LYS A 506 3.36 16.22 -4.17
CA LYS A 506 4.63 16.14 -4.90
C LYS A 506 4.52 15.19 -6.09
N ILE A 507 3.83 14.06 -5.94
CA ILE A 507 3.63 13.16 -7.07
C ILE A 507 2.45 13.56 -7.96
N SER A 508 1.85 14.73 -7.71
CA SER A 508 0.61 15.07 -8.42
C SER A 508 0.85 15.35 -9.90
N GLN A 509 2.05 15.80 -10.28
CA GLN A 509 2.32 15.95 -11.71
C GLN A 509 2.24 14.62 -12.44
N PHE A 510 2.55 13.51 -11.76
CA PHE A 510 2.38 12.20 -12.39
C PHE A 510 0.92 11.73 -12.31
N THR A 511 0.32 11.78 -11.11
CA THR A 511 -0.98 11.15 -10.90
C THR A 511 -2.10 11.84 -11.67
N LYS A 512 -2.03 13.17 -11.84
CA LYS A 512 -2.99 13.86 -12.69
C LYS A 512 -2.86 13.43 -14.15
N SER A 513 -1.65 13.52 -14.70
CA SER A 513 -1.44 13.35 -16.14
C SER A 513 -1.66 11.93 -16.61
N ILE A 514 -1.69 10.95 -15.70
CA ILE A 514 -2.00 9.59 -16.12
C ILE A 514 -3.51 9.39 -16.18
N GLU A 515 -4.26 10.09 -15.33
CA GLU A 515 -5.71 10.11 -15.32
C GLU A 515 -6.31 8.73 -15.02
N SER B 4 -30.71 -17.94 32.83
CA SER B 4 -31.19 -17.00 31.83
C SER B 4 -32.56 -17.42 31.31
N MET B 5 -32.91 -17.04 30.08
CA MET B 5 -34.13 -17.51 29.47
C MET B 5 -33.94 -17.53 27.96
N ASN B 6 -34.60 -18.46 27.30
CA ASN B 6 -34.49 -18.61 25.84
C ASN B 6 -35.64 -17.83 25.21
N GLY B 7 -35.33 -16.67 24.63
CA GLY B 7 -36.36 -15.83 24.02
C GLY B 7 -37.05 -16.46 22.84
N CYS B 8 -36.51 -17.55 22.26
CA CYS B 8 -37.25 -18.25 21.23
C CYS B 8 -38.49 -18.96 21.77
N ASP B 9 -38.55 -19.23 23.07
CA ASP B 9 -39.75 -19.81 23.65
C ASP B 9 -40.86 -18.79 23.86
N GLY B 10 -40.54 -17.49 23.81
CA GLY B 10 -41.50 -16.47 24.15
C GLY B 10 -42.51 -16.19 23.04
N ASP B 11 -43.51 -15.40 23.39
CA ASP B 11 -44.58 -15.05 22.46
C ASP B 11 -44.13 -13.84 21.64
N PHE B 12 -43.49 -14.11 20.50
CA PHE B 12 -42.94 -13.00 19.72
C PHE B 12 -44.01 -12.09 19.14
N LYS B 13 -45.28 -12.51 19.18
CA LYS B 13 -46.38 -11.71 18.66
C LYS B 13 -46.93 -10.71 19.67
N THR B 14 -46.51 -10.76 20.93
CA THR B 14 -46.91 -9.76 21.92
C THR B 14 -45.68 -9.04 22.45
N PRO B 15 -45.62 -7.72 22.35
CA PRO B 15 -44.41 -6.99 22.74
C PRO B 15 -44.08 -7.16 24.22
N LEU B 16 -42.81 -6.90 24.54
CA LEU B 16 -42.40 -6.81 25.93
C LEU B 16 -43.06 -5.60 26.58
N GLY B 17 -43.25 -5.66 27.90
CA GLY B 17 -43.81 -4.52 28.60
C GLY B 17 -43.00 -3.26 28.37
N THR B 18 -41.67 -3.38 28.34
CA THR B 18 -40.83 -2.21 28.13
C THR B 18 -39.49 -2.66 27.56
N VAL B 19 -38.89 -1.77 26.78
CA VAL B 19 -37.49 -1.89 26.36
C VAL B 19 -36.89 -0.51 26.56
N GLU B 20 -35.85 -0.41 27.40
CA GLU B 20 -35.35 0.92 27.71
C GLU B 20 -33.89 0.87 28.17
N THR B 21 -33.21 1.97 27.95
CA THR B 21 -31.85 2.20 28.44
C THR B 21 -31.87 3.35 29.44
N ARG B 22 -31.26 3.15 30.60
CA ARG B 22 -31.06 4.22 31.57
C ARG B 22 -29.56 4.48 31.71
N THR B 23 -29.16 5.73 31.55
CA THR B 23 -27.76 6.14 31.63
C THR B 23 -27.48 6.76 32.99
N MET B 24 -26.43 6.28 33.67
CA MET B 24 -25.98 6.86 34.93
C MET B 24 -25.00 8.01 34.68
N THR B 25 -24.78 8.81 35.73
CA THR B 25 -23.74 9.82 35.71
C THR B 25 -22.40 9.20 35.34
N ALA B 26 -21.64 9.91 34.51
CA ALA B 26 -20.35 9.42 34.05
C ALA B 26 -19.37 9.34 35.21
N VAL B 27 -18.46 8.37 35.14
CA VAL B 27 -17.41 8.20 36.15
C VAL B 27 -16.08 8.17 35.42
N LEU B 28 -15.01 8.17 36.20
CA LEU B 28 -13.69 8.26 35.60
C LEU B 28 -13.09 6.89 35.27
N SER B 29 -13.38 5.86 36.05
CA SER B 29 -12.63 4.61 36.01
C SER B 29 -13.57 3.41 35.92
N PRO B 30 -13.05 2.25 35.52
CA PRO B 30 -13.88 1.03 35.59
C PRO B 30 -14.24 0.61 37.00
N ALA B 31 -13.36 0.81 37.99
CA ALA B 31 -13.73 0.45 39.36
C ALA B 31 -14.91 1.27 39.84
N ALA B 32 -14.92 2.58 39.53
CA ALA B 32 -16.05 3.41 39.88
C ALA B 32 -17.31 2.97 39.15
N ALA B 33 -17.18 2.64 37.85
CA ALA B 33 -18.35 2.22 37.08
C ALA B 33 -18.92 0.92 37.62
N THR B 34 -18.06 -0.03 37.97
CA THR B 34 -18.55 -1.30 38.51
C THR B 34 -19.34 -1.06 39.80
N GLU B 35 -18.82 -0.21 40.70
CA GLU B 35 -19.54 0.08 41.94
C GLU B 35 -20.84 0.82 41.66
N ARG B 36 -20.82 1.84 40.81
CA ARG B 36 -22.05 2.57 40.52
C ARG B 36 -23.09 1.67 39.89
N LEU B 37 -22.66 0.75 39.01
CA LEU B 37 -23.60 -0.16 38.35
C LEU B 37 -24.22 -1.13 39.36
N ILE B 38 -23.42 -1.62 40.31
CA ILE B 38 -23.95 -2.44 41.39
C ILE B 38 -25.04 -1.68 42.14
N SER B 39 -24.80 -0.40 42.42
CA SER B 39 -25.82 0.40 43.10
C SER B 39 -27.02 0.65 42.20
N ALA B 40 -26.81 0.83 40.89
CA ALA B 40 -27.96 1.03 40.01
C ALA B 40 -28.85 -0.20 39.95
N VAL B 41 -28.25 -1.40 39.96
CA VAL B 41 -29.05 -2.62 39.95
C VAL B 41 -29.83 -2.74 41.25
N SER B 42 -29.19 -2.42 42.38
CA SER B 42 -29.87 -2.47 43.67
C SER B 42 -31.02 -1.46 43.73
N GLU B 43 -30.82 -0.25 43.23
CA GLU B 43 -31.90 0.74 43.20
C GLU B 43 -33.07 0.26 42.34
N LEU B 44 -32.79 -0.38 41.20
CA LEU B 44 -33.88 -0.90 40.38
C LEU B 44 -34.63 -2.02 41.11
N LYS B 45 -33.90 -2.86 41.84
CA LYS B 45 -34.55 -3.88 42.66
C LYS B 45 -35.49 -3.27 43.70
N SER B 46 -35.17 -2.09 44.20
CA SER B 46 -36.04 -1.48 45.21
C SER B 46 -37.19 -0.68 44.61
N GLN B 47 -37.09 -0.30 43.34
CA GLN B 47 -38.15 0.44 42.65
C GLN B 47 -38.37 -0.21 41.30
N PRO B 48 -38.92 -1.42 41.27
CA PRO B 48 -38.90 -2.20 40.03
C PRO B 48 -39.83 -1.62 38.99
N PRO B 49 -39.49 -1.73 37.71
CA PRO B 49 -40.41 -1.29 36.65
C PRO B 49 -41.71 -2.09 36.72
N SER B 50 -42.81 -1.42 36.40
CA SER B 50 -44.15 -1.99 36.56
C SER B 50 -44.56 -2.84 35.34
N PHE B 51 -43.75 -3.84 35.01
CA PHE B 51 -44.07 -4.67 33.85
C PHE B 51 -43.82 -6.14 34.18
N SER B 52 -44.56 -7.02 33.53
CA SER B 52 -44.40 -8.45 33.72
C SER B 52 -43.42 -9.06 32.71
N SER B 53 -42.88 -8.24 31.80
CA SER B 53 -41.85 -8.64 30.86
C SER B 53 -41.13 -7.38 30.44
N GLY B 54 -39.85 -7.51 30.11
CA GLY B 54 -39.15 -6.33 29.66
C GLY B 54 -37.65 -6.53 29.57
N VAL B 55 -37.01 -5.45 29.14
CA VAL B 55 -35.56 -5.35 29.06
C VAL B 55 -35.20 -3.95 29.51
N VAL B 56 -34.37 -3.86 30.53
CA VAL B 56 -33.85 -2.59 31.01
C VAL B 56 -32.33 -2.70 30.98
N ARG B 57 -31.70 -1.83 30.20
CA ARG B 57 -30.26 -1.72 30.17
C ARG B 57 -29.85 -0.53 31.04
N LEU B 58 -28.91 -0.77 31.95
CA LEU B 58 -28.33 0.27 32.80
C LEU B 58 -26.87 0.44 32.39
N GLN B 59 -26.47 1.66 32.07
CA GLN B 59 -25.13 1.88 31.55
C GLN B 59 -24.45 3.03 32.27
N VAL B 60 -23.16 2.87 32.54
CA VAL B 60 -22.36 3.89 33.19
C VAL B 60 -21.26 4.31 32.23
N PRO B 61 -21.26 5.56 31.74
CA PRO B 61 -20.14 6.03 30.93
C PRO B 61 -18.86 6.14 31.75
N ILE B 62 -17.75 5.84 31.09
CA ILE B 62 -16.42 5.88 31.67
C ILE B 62 -15.58 6.82 30.81
N ASP B 63 -14.98 7.83 31.45
CA ASP B 63 -14.26 8.85 30.68
C ASP B 63 -12.99 8.29 30.06
N GLN B 64 -12.35 7.32 30.70
CA GLN B 64 -11.12 6.77 30.14
C GLN B 64 -11.42 5.91 28.92
N GLN B 65 -10.45 5.86 28.00
CA GLN B 65 -10.50 4.95 26.87
C GLN B 65 -9.86 3.63 27.32
N ILE B 66 -10.69 2.60 27.47
CA ILE B 66 -10.26 1.27 27.92
C ILE B 66 -10.68 0.26 26.86
N GLY B 67 -9.78 -0.66 26.53
CA GLY B 67 -10.06 -1.66 25.51
C GLY B 67 -11.02 -2.71 26.05
N ALA B 68 -12.05 -3.04 25.25
CA ALA B 68 -13.03 -4.02 25.72
C ALA B 68 -12.43 -5.41 25.86
N ILE B 69 -11.45 -5.75 25.02
CA ILE B 69 -10.81 -7.06 25.13
C ILE B 69 -9.98 -7.14 26.41
N ASP B 70 -9.35 -6.02 26.82
CA ASP B 70 -8.66 -5.98 28.11
C ASP B 70 -9.63 -6.19 29.27
N TRP B 71 -10.79 -5.53 29.22
CA TRP B 71 -11.79 -5.78 30.25
C TRP B 71 -12.20 -7.24 30.28
N LEU B 72 -12.40 -7.85 29.11
CA LEU B 72 -12.85 -9.23 29.04
C LEU B 72 -11.80 -10.18 29.60
N GLN B 73 -10.52 -9.92 29.32
CA GLN B 73 -9.45 -10.78 29.82
C GLN B 73 -9.41 -10.82 31.35
N ALA B 74 -9.86 -9.75 32.02
CA ALA B 74 -9.89 -9.69 33.48
C ALA B 74 -11.09 -10.42 34.08
N GLN B 75 -12.07 -10.81 33.28
CA GLN B 75 -13.29 -11.37 33.84
C GLN B 75 -13.15 -12.85 34.12
N ASN B 76 -13.88 -13.31 35.12
CA ASN B 76 -14.07 -14.73 35.38
C ASN B 76 -14.73 -15.40 34.18
N GLU B 77 -14.79 -16.73 34.21
CA GLU B 77 -15.50 -17.47 33.15
C GLU B 77 -16.98 -17.49 33.50
N ILE B 78 -17.64 -16.39 33.16
CA ILE B 78 -19.08 -16.24 33.29
C ILE B 78 -19.64 -16.27 31.88
N GLN B 79 -20.37 -17.33 31.55
CA GLN B 79 -20.70 -17.63 30.17
C GLN B 79 -22.19 -17.47 29.91
N PRO B 80 -22.60 -17.19 28.65
CA PRO B 80 -21.72 -17.03 27.47
C PRO B 80 -20.76 -15.85 27.55
N ARG B 81 -19.62 -15.99 26.88
CA ARG B 81 -18.67 -14.91 26.66
C ARG B 81 -18.77 -14.49 25.20
N CYS B 82 -18.92 -13.19 24.97
CA CYS B 82 -19.09 -12.59 23.65
C CYS B 82 -18.03 -11.52 23.45
N PHE B 83 -17.56 -11.39 22.21
CA PHE B 83 -16.73 -10.23 21.85
C PHE B 83 -16.99 -9.88 20.40
N PHE B 84 -17.09 -8.59 20.12
CA PHE B 84 -17.21 -8.17 18.73
C PHE B 84 -16.51 -6.84 18.52
N SER B 85 -15.72 -6.74 17.45
CA SER B 85 -15.07 -5.50 17.09
C SER B 85 -15.17 -5.32 15.58
N ARG B 86 -15.86 -4.26 15.15
CA ARG B 86 -16.07 -4.06 13.73
C ARG B 86 -14.76 -3.61 13.06
N ARG B 87 -14.79 -3.57 11.75
CA ARG B 87 -13.62 -3.20 10.93
C ARG B 87 -13.30 -1.73 11.07
N SER B 88 -12.00 -1.40 11.13
CA SER B 88 -11.55 0.01 11.27
C SER B 88 -12.00 0.83 10.06
N ASP B 89 -12.24 0.17 8.92
CA ASP B 89 -12.67 0.85 7.66
C ASP B 89 -11.65 1.94 7.31
N VAL B 90 -10.44 1.53 6.93
CA VAL B 90 -9.33 2.48 6.64
C VAL B 90 -9.32 2.93 5.17
N GLY B 91 -9.79 4.15 4.91
CA GLY B 91 -9.74 4.79 3.58
C GLY B 91 -10.74 4.27 2.58
N ARG B 92 -11.17 3.01 2.70
CA ARG B 92 -12.15 2.40 1.77
C ARG B 92 -13.43 3.16 2.00
N PRO B 93 -14.36 3.65 0.96
CA PRO B 93 -15.58 4.46 1.06
C PRO B 93 -16.65 3.74 1.87
N ASP B 94 -17.42 4.53 2.61
CA ASP B 94 -18.65 4.04 3.24
C ASP B 94 -19.77 4.18 2.20
N LEU B 95 -20.17 3.05 1.60
CA LEU B 95 -21.11 3.08 0.50
C LEU B 95 -22.48 3.63 0.90
N LEU B 96 -22.82 3.58 2.18
CA LEU B 96 -24.03 4.25 2.67
C LEU B 96 -23.69 5.72 2.88
N LEU B 97 -23.96 6.52 1.83
CA LEU B 97 -23.58 7.93 1.81
C LEU B 97 -24.49 8.67 0.83
N ASN B 117 -18.50 4.28 15.63
CA ASN B 117 -18.51 4.84 16.97
C ASN B 117 -18.14 3.80 18.03
N LEU B 118 -18.82 2.65 18.00
CA LEU B 118 -18.46 1.52 18.86
C LEU B 118 -17.24 0.82 18.27
N VAL B 119 -16.11 0.87 18.99
CA VAL B 119 -14.88 0.26 18.49
C VAL B 119 -14.85 -1.23 18.79
N SER B 120 -15.29 -1.63 19.99
CA SER B 120 -15.37 -3.04 20.34
C SER B 120 -16.25 -3.19 21.57
N VAL B 121 -16.77 -4.39 21.76
CA VAL B 121 -17.67 -4.69 22.87
C VAL B 121 -17.39 -6.11 23.34
N ALA B 122 -17.35 -6.29 24.66
CA ALA B 122 -17.22 -7.59 25.29
C ALA B 122 -18.44 -7.82 26.16
N GLY B 123 -18.85 -9.08 26.29
CA GLY B 123 -19.97 -9.41 27.15
C GLY B 123 -19.75 -10.72 27.89
N ILE B 124 -20.26 -10.78 29.11
CA ILE B 124 -20.27 -12.01 29.91
C ILE B 124 -21.69 -12.27 30.38
N GLY B 125 -22.03 -13.55 30.53
CA GLY B 125 -23.36 -13.93 30.95
C GLY B 125 -24.42 -13.66 29.87
N SER B 126 -25.67 -13.98 30.22
CA SER B 126 -26.78 -13.77 29.31
C SER B 126 -27.98 -13.21 30.06
N ALA B 127 -28.42 -12.01 29.68
CA ALA B 127 -29.74 -11.55 30.10
C ALA B 127 -30.85 -12.36 29.43
N VAL B 128 -30.66 -12.69 28.16
CA VAL B 128 -31.55 -13.55 27.40
C VAL B 128 -30.75 -14.14 26.25
N PHE B 129 -31.03 -15.38 25.90
CA PHE B 129 -30.36 -16.02 24.78
C PHE B 129 -31.38 -16.63 23.83
N PHE B 130 -30.90 -16.98 22.64
CA PHE B 130 -31.76 -17.48 21.57
C PHE B 130 -31.02 -18.63 20.91
N ARG B 131 -31.62 -19.82 20.94
CA ARG B 131 -30.98 -21.03 20.47
C ARG B 131 -32.07 -22.02 20.09
N ASP B 132 -31.79 -22.79 19.05
CA ASP B 132 -32.66 -23.88 18.62
C ASP B 132 -31.80 -24.83 17.82
N LEU B 133 -32.25 -26.09 17.73
CA LEU B 133 -31.63 -27.06 16.84
C LEU B 133 -32.11 -26.95 15.40
N ASP B 134 -33.27 -26.32 15.16
CA ASP B 134 -33.71 -26.12 13.77
C ASP B 134 -33.11 -24.85 13.21
N PRO B 135 -33.04 -24.73 11.88
CA PRO B 135 -32.44 -23.53 11.28
C PRO B 135 -33.11 -22.24 11.75
N PHE B 136 -32.29 -21.19 11.92
CA PHE B 136 -32.77 -19.83 12.17
C PHE B 136 -33.86 -19.44 11.16
N SER B 137 -35.04 -19.09 11.67
CA SER B 137 -36.24 -18.81 10.90
C SER B 137 -36.69 -17.37 11.11
N HIS B 138 -37.63 -16.93 10.27
CA HIS B 138 -38.22 -15.61 10.44
C HIS B 138 -38.83 -15.45 11.83
N ASP B 139 -39.42 -16.52 12.37
CA ASP B 139 -39.98 -16.47 13.72
C ASP B 139 -38.88 -16.23 14.75
N ASP B 140 -37.73 -16.90 14.57
CA ASP B 140 -36.62 -16.70 15.50
C ASP B 140 -36.12 -15.26 15.43
N TRP B 141 -36.02 -14.72 14.23
CA TRP B 141 -35.64 -13.32 14.07
C TRP B 141 -36.59 -12.40 14.82
N ARG B 142 -37.92 -12.63 14.68
CA ARG B 142 -38.90 -11.83 15.42
C ARG B 142 -38.76 -12.01 16.93
N SER B 143 -38.42 -13.23 17.37
CA SER B 143 -38.18 -13.45 18.79
C SER B 143 -37.08 -12.52 19.30
N ILE B 144 -36.02 -12.33 18.51
CA ILE B 144 -34.92 -11.46 18.91
C ILE B 144 -35.32 -10.00 18.82
N ARG B 145 -36.01 -9.61 17.73
CA ARG B 145 -36.47 -8.24 17.57
C ARG B 145 -37.34 -7.79 18.74
N ARG B 146 -38.08 -8.71 19.35
CA ARG B 146 -38.90 -8.40 20.52
C ARG B 146 -38.09 -7.73 21.62
N PHE B 147 -36.79 -8.02 21.71
CA PHE B 147 -35.95 -7.51 22.79
C PHE B 147 -35.12 -6.29 22.39
N LEU B 148 -35.34 -5.73 21.20
CA LEU B 148 -34.52 -4.65 20.67
C LEU B 148 -35.36 -3.39 20.48
N SER B 149 -34.69 -2.26 20.24
CA SER B 149 -35.44 -1.03 20.06
C SER B 149 -34.60 0.04 19.40
N SER B 150 -35.25 0.81 18.53
CA SER B 150 -34.58 1.94 17.87
C SER B 150 -34.17 3.01 18.88
N THR B 151 -34.93 3.15 19.97
CA THR B 151 -34.57 4.15 20.96
C THR B 151 -33.54 3.64 21.97
N SER B 152 -33.16 2.35 21.91
CA SER B 152 -32.10 1.76 22.72
C SER B 152 -31.04 1.18 21.79
N PRO B 153 -30.26 2.04 21.12
CA PRO B 153 -29.34 1.54 20.07
C PRO B 153 -28.29 0.55 20.53
N LEU B 154 -27.94 0.51 21.83
CA LEU B 154 -26.89 -0.39 22.29
C LEU B 154 -27.42 -1.72 22.84
N ILE B 155 -28.73 -1.88 23.00
CA ILE B 155 -29.26 -3.19 23.34
C ILE B 155 -29.10 -4.07 22.09
N ARG B 156 -28.21 -5.06 22.17
CA ARG B 156 -27.82 -5.83 21.00
C ARG B 156 -27.65 -7.29 21.38
N ALA B 157 -28.06 -8.19 20.49
CA ALA B 157 -27.93 -9.63 20.69
C ALA B 157 -26.79 -10.12 19.81
N TYR B 158 -25.75 -10.70 20.44
CA TYR B 158 -24.52 -11.13 19.76
C TYR B 158 -24.53 -12.63 19.55
N GLY B 159 -24.13 -13.06 18.36
CA GLY B 159 -23.98 -14.48 18.10
C GLY B 159 -23.91 -14.73 16.60
N GLY B 160 -24.28 -15.96 16.23
CA GLY B 160 -24.23 -16.30 14.82
C GLY B 160 -25.02 -17.55 14.51
N MET B 161 -24.78 -18.07 13.30
CA MET B 161 -25.51 -19.20 12.73
C MET B 161 -24.55 -20.17 12.05
N ARG B 162 -24.91 -21.45 12.08
CA ARG B 162 -24.12 -22.46 11.38
C ARG B 162 -24.01 -22.16 9.89
N PHE B 163 -22.84 -22.50 9.32
CA PHE B 163 -22.71 -22.46 7.86
C PHE B 163 -23.85 -23.24 7.21
N ASP B 164 -24.08 -24.47 7.65
CA ASP B 164 -25.19 -25.30 7.17
C ASP B 164 -26.02 -25.74 8.36
N PRO B 165 -27.17 -25.10 8.61
CA PRO B 165 -27.98 -25.46 9.79
C PRO B 165 -28.68 -26.79 9.67
N ASN B 166 -28.64 -27.44 8.51
CA ASN B 166 -29.21 -28.77 8.38
C ASN B 166 -28.18 -29.88 8.41
N GLY B 167 -26.88 -29.54 8.55
CA GLY B 167 -25.85 -30.55 8.59
C GLY B 167 -25.83 -31.28 9.91
N LYS B 168 -25.19 -32.45 9.90
CA LYS B 168 -24.97 -33.17 11.15
C LYS B 168 -24.05 -32.38 12.06
N ILE B 169 -24.48 -32.19 13.31
CA ILE B 169 -23.76 -31.37 14.28
C ILE B 169 -22.76 -32.26 15.01
N ALA B 170 -21.46 -32.01 14.81
CA ALA B 170 -20.46 -32.74 15.57
C ALA B 170 -20.46 -32.27 17.03
N VAL B 171 -19.88 -33.12 17.88
CA VAL B 171 -19.96 -32.89 19.32
C VAL B 171 -19.34 -31.55 19.70
N GLU B 172 -18.23 -31.18 19.07
CA GLU B 172 -17.58 -29.93 19.45
C GLU B 172 -18.45 -28.71 19.15
N TRP B 173 -19.35 -28.81 18.19
CA TRP B 173 -20.23 -27.71 17.82
C TRP B 173 -21.60 -27.80 18.48
N GLU B 174 -21.88 -28.87 19.23
CA GLU B 174 -23.21 -29.09 19.76
C GLU B 174 -23.72 -27.96 20.65
N PRO B 175 -22.92 -27.33 21.51
CA PRO B 175 -23.49 -26.26 22.35
C PRO B 175 -23.98 -25.07 21.55
N PHE B 176 -23.57 -24.92 20.28
CA PHE B 176 -23.97 -23.78 19.47
C PHE B 176 -25.33 -23.97 18.82
N GLY B 177 -25.82 -25.21 18.72
CA GLY B 177 -27.10 -25.41 18.03
C GLY B 177 -27.00 -24.99 16.56
N ALA B 178 -28.18 -24.81 15.93
CA ALA B 178 -28.22 -24.25 14.59
C ALA B 178 -27.91 -22.76 14.60
N PHE B 179 -28.14 -22.10 15.73
CA PHE B 179 -27.78 -20.70 15.91
C PHE B 179 -27.74 -20.43 17.40
N TYR B 180 -27.02 -19.37 17.77
CA TYR B 180 -26.91 -18.98 19.16
C TYR B 180 -26.69 -17.48 19.21
N PHE B 181 -27.57 -16.77 19.91
CA PHE B 181 -27.44 -15.34 20.13
C PHE B 181 -27.66 -15.07 21.61
N SER B 182 -27.04 -14.00 22.12
CA SER B 182 -27.24 -13.68 23.52
C SER B 182 -27.09 -12.18 23.74
N VAL B 183 -28.03 -11.60 24.48
CA VAL B 183 -27.86 -10.27 25.06
C VAL B 183 -27.07 -10.43 26.36
N PRO B 184 -25.88 -9.82 26.49
CA PRO B 184 -25.03 -10.07 27.68
C PRO B 184 -25.69 -9.65 28.98
N GLN B 185 -25.36 -10.36 30.05
CA GLN B 185 -25.74 -9.88 31.38
C GLN B 185 -24.97 -8.61 31.74
N VAL B 186 -23.67 -8.61 31.50
CA VAL B 186 -22.81 -7.45 31.76
C VAL B 186 -21.93 -7.28 30.54
N GLU B 187 -21.69 -6.03 30.14
CA GLU B 187 -20.86 -5.83 28.96
C GLU B 187 -20.07 -4.54 29.11
N PHE B 188 -19.01 -4.47 28.31
CA PHE B 188 -18.12 -3.32 28.27
C PHE B 188 -18.10 -2.81 26.84
N ASN B 189 -18.32 -1.51 26.65
CA ASN B 189 -18.31 -0.90 25.33
C ASN B 189 -17.11 0.03 25.22
N GLU B 190 -16.31 -0.12 24.17
CA GLU B 190 -15.19 0.77 23.93
C GLU B 190 -15.51 1.67 22.75
N PHE B 191 -15.46 2.98 22.98
CA PHE B 191 -15.66 3.98 21.95
C PHE B 191 -14.31 4.59 21.58
N GLY B 192 -14.34 5.58 20.68
CA GLY B 192 -13.12 6.22 20.25
C GLY B 192 -12.27 6.76 21.39
N GLY B 193 -12.84 7.64 22.20
CA GLY B 193 -12.08 8.23 23.27
C GLY B 193 -12.75 8.14 24.63
N SER B 194 -13.57 7.10 24.82
CA SER B 194 -14.22 6.88 26.10
C SER B 194 -14.79 5.46 26.10
N SER B 195 -15.36 5.07 27.23
CA SER B 195 -15.76 3.68 27.45
C SER B 195 -17.09 3.66 28.17
N MET B 196 -17.56 2.46 28.48
CA MET B 196 -18.86 2.29 29.11
C MET B 196 -19.05 0.87 29.65
N LEU B 197 -19.55 0.77 30.88
CA LEU B 197 -19.93 -0.50 31.50
C LEU B 197 -21.44 -0.54 31.62
N ALA B 198 -22.05 -1.65 31.20
CA ALA B 198 -23.48 -1.74 31.19
C ALA B 198 -23.91 -3.11 31.70
N ALA B 199 -25.14 -3.17 32.19
CA ALA B 199 -25.74 -4.43 32.58
C ALA B 199 -27.18 -4.41 32.12
N THR B 200 -27.69 -5.57 31.76
CA THR B 200 -29.00 -5.65 31.14
C THR B 200 -29.86 -6.62 31.91
N ILE B 201 -31.07 -6.18 32.28
CA ILE B 201 -32.05 -6.97 33.01
C ILE B 201 -33.15 -7.31 32.02
N ALA B 202 -33.32 -8.59 31.71
CA ALA B 202 -34.37 -9.05 30.81
C ALA B 202 -35.23 -10.08 31.51
N TRP B 203 -36.54 -10.01 31.29
CA TRP B 203 -37.42 -10.91 32.04
C TRP B 203 -38.73 -11.10 31.29
N ASP B 204 -39.35 -12.24 31.55
CA ASP B 204 -40.66 -12.58 30.97
C ASP B 204 -41.34 -13.53 31.95
N ASP B 205 -42.35 -13.03 32.65
CA ASP B 205 -43.09 -13.87 33.59
C ASP B 205 -43.69 -15.09 32.91
N GLU B 206 -44.10 -14.97 31.64
CA GLU B 206 -44.69 -16.08 30.92
C GLU B 206 -43.71 -17.23 30.71
N LEU B 207 -42.40 -16.95 30.80
CA LEU B 207 -41.38 -17.98 30.68
C LEU B 207 -40.87 -18.40 32.05
N SER B 208 -41.58 -18.03 33.12
CA SER B 208 -41.15 -18.27 34.50
C SER B 208 -39.72 -17.75 34.73
N TRP B 209 -39.37 -16.63 34.10
CA TRP B 209 -38.11 -15.93 34.37
C TRP B 209 -38.52 -14.52 34.79
N THR B 210 -38.72 -14.32 36.09
CA THR B 210 -39.33 -13.09 36.57
C THR B 210 -38.28 -11.98 36.70
N LEU B 211 -38.77 -10.77 36.94
CA LEU B 211 -37.86 -9.66 37.19
C LEU B 211 -36.96 -9.95 38.40
N GLU B 212 -37.50 -10.57 39.45
CA GLU B 212 -36.69 -10.92 40.61
C GLU B 212 -35.68 -11.99 40.26
N ASN B 213 -36.11 -13.02 39.52
CA ASN B 213 -35.16 -14.02 39.00
C ASN B 213 -33.99 -13.33 38.31
N ALA B 214 -34.30 -12.36 37.44
CA ALA B 214 -33.27 -11.75 36.59
C ALA B 214 -32.34 -10.87 37.41
N ILE B 215 -32.90 -10.08 38.32
CA ILE B 215 -32.11 -9.18 39.15
C ILE B 215 -31.17 -9.99 40.05
N GLU B 216 -31.67 -11.09 40.59
CA GLU B 216 -30.87 -11.91 41.49
C GLU B 216 -29.70 -12.56 40.77
N ALA B 217 -29.94 -13.10 39.56
CA ALA B 217 -28.84 -13.64 38.77
C ALA B 217 -27.83 -12.56 38.44
N LEU B 218 -28.32 -11.38 38.05
CA LEU B 218 -27.41 -10.30 37.68
C LEU B 218 -26.61 -9.79 38.89
N GLN B 219 -27.26 -9.66 40.05
CA GLN B 219 -26.53 -9.19 41.24
C GLN B 219 -25.39 -10.13 41.60
N GLU B 220 -25.58 -11.43 41.38
CA GLU B 220 -24.51 -12.39 41.63
C GLU B 220 -23.35 -12.17 40.68
N THR B 221 -23.64 -12.01 39.39
CA THR B 221 -22.58 -11.76 38.41
C THR B 221 -21.88 -10.44 38.70
N MET B 222 -22.65 -9.41 39.07
CA MET B 222 -22.07 -8.08 39.27
C MET B 222 -21.00 -8.09 40.36
N LEU B 223 -21.23 -8.85 41.44
CA LEU B 223 -20.22 -8.92 42.50
C LEU B 223 -18.97 -9.68 42.06
N GLN B 224 -19.06 -10.42 40.95
CA GLN B 224 -17.92 -11.15 40.41
C GLN B 224 -17.19 -10.38 39.32
N VAL B 225 -17.68 -9.21 38.94
CA VAL B 225 -17.06 -8.42 37.89
C VAL B 225 -15.75 -7.86 38.41
N SER B 226 -14.69 -8.00 37.60
CA SER B 226 -13.39 -7.45 37.99
C SER B 226 -13.20 -6.10 37.33
N SER B 227 -12.63 -5.16 38.09
CA SER B 227 -12.17 -3.87 37.59
C SER B 227 -10.66 -3.81 37.43
N VAL B 228 -9.97 -4.92 37.65
CA VAL B 228 -8.53 -4.92 37.50
C VAL B 228 -8.21 -5.08 36.01
N VAL B 229 -8.47 -4.04 35.24
CA VAL B 229 -8.31 -4.04 33.77
C VAL B 229 -6.87 -3.67 33.37
N MET B 230 -6.04 -4.69 33.29
CA MET B 230 -4.64 -4.55 32.87
C MET B 230 -4.61 -4.38 31.36
N LYS B 231 -3.75 -3.50 30.85
CA LYS B 231 -3.55 -3.35 29.39
C LYS B 231 -2.64 -4.50 29.00
N LEU B 232 -3.13 -5.43 28.21
CA LEU B 232 -2.34 -6.63 27.91
C LEU B 232 -1.41 -6.35 26.75
N ARG B 233 -0.29 -7.06 26.71
CA ARG B 233 0.71 -6.86 25.64
C ARG B 233 1.38 -8.19 25.30
N ASN B 234 1.02 -9.28 25.99
CA ASN B 234 1.70 -10.59 25.82
C ASN B 234 1.68 -11.08 24.38
N ARG B 235 2.83 -11.50 23.86
CA ARG B 235 2.81 -12.12 22.51
C ARG B 235 2.90 -13.63 22.74
N SER B 236 3.59 -14.02 23.81
CA SER B 236 3.71 -15.45 24.10
C SER B 236 2.45 -15.90 24.85
N LEU B 237 1.73 -16.89 24.29
CA LEU B 237 0.53 -17.48 24.91
C LEU B 237 0.97 -18.50 25.97
N GLY B 238 2.24 -18.91 25.95
CA GLY B 238 2.77 -19.84 26.96
C GLY B 238 2.27 -21.25 26.81
N VAL B 239 1.85 -21.64 25.61
CA VAL B 239 1.44 -23.02 25.37
C VAL B 239 2.43 -23.64 24.38
N SER B 240 2.68 -24.93 24.55
CA SER B 240 3.46 -25.70 23.60
C SER B 240 2.50 -26.49 22.72
N VAL B 241 2.72 -26.44 21.42
CA VAL B 241 1.97 -27.30 20.50
C VAL B 241 2.60 -28.68 20.52
N LEU B 242 1.80 -29.70 20.84
CA LEU B 242 2.28 -31.08 20.87
C LEU B 242 2.14 -31.79 19.52
N SER B 243 1.16 -31.40 18.72
CA SER B 243 1.03 -31.96 17.37
C SER B 243 0.11 -31.06 16.55
N LYS B 244 0.22 -31.21 15.23
CA LYS B 244 -0.65 -30.55 14.28
C LYS B 244 -1.01 -31.56 13.20
N ASN B 245 -2.31 -31.73 12.95
CA ASN B 245 -2.81 -32.61 11.91
C ASN B 245 -3.97 -31.90 11.22
N HIS B 246 -4.20 -32.29 9.96
CA HIS B 246 -5.27 -31.70 9.17
C HIS B 246 -6.36 -32.73 8.90
N VAL B 247 -7.61 -32.26 8.90
CA VAL B 247 -8.72 -33.02 8.33
C VAL B 247 -9.28 -32.19 7.17
N PRO B 248 -9.12 -32.63 5.92
CA PRO B 248 -8.42 -33.86 5.49
C PRO B 248 -6.89 -33.76 5.51
N THR B 249 -6.22 -34.90 5.57
CA THR B 249 -4.78 -34.88 5.37
C THR B 249 -4.44 -34.51 3.94
N LYS B 250 -3.18 -34.15 3.70
CA LYS B 250 -2.74 -33.77 2.36
C LYS B 250 -2.94 -34.91 1.37
N GLY B 251 -2.86 -36.16 1.83
CA GLY B 251 -3.08 -37.29 0.94
C GLY B 251 -4.54 -37.49 0.58
N ALA B 252 -5.46 -37.11 1.47
CA ALA B 252 -6.87 -37.20 1.14
C ALA B 252 -7.39 -35.97 0.40
N TYR B 253 -6.70 -34.84 0.59
CA TYR B 253 -7.14 -33.57 0.01
C TYR B 253 -6.96 -33.54 -1.51
N PHE B 254 -5.81 -34.00 -2.00
CA PHE B 254 -5.55 -33.96 -3.43
C PHE B 254 -6.59 -34.70 -4.25
N PRO B 255 -6.99 -35.94 -3.92
CA PRO B 255 -8.07 -36.57 -4.67
C PRO B 255 -9.37 -35.79 -4.61
N ALA B 256 -9.70 -35.24 -3.43
CA ALA B 256 -10.91 -34.45 -3.30
C ALA B 256 -10.92 -33.27 -4.27
N VAL B 257 -9.80 -32.54 -4.34
CA VAL B 257 -9.75 -31.41 -5.26
C VAL B 257 -9.76 -31.89 -6.71
N GLU B 258 -9.08 -33.02 -7.00
CA GLU B 258 -9.13 -33.59 -8.35
C GLU B 258 -10.57 -33.90 -8.75
N LYS B 259 -11.31 -34.59 -7.89
CA LYS B 259 -12.72 -34.88 -8.11
C LYS B 259 -13.51 -33.61 -8.44
N ALA B 260 -13.40 -32.58 -7.59
CA ALA B 260 -14.07 -31.32 -7.87
C ALA B 260 -13.65 -30.76 -9.21
N LEU B 261 -12.35 -30.81 -9.52
CA LEU B 261 -11.84 -30.26 -10.77
C LEU B 261 -12.39 -31.00 -11.99
N GLU B 262 -12.63 -32.31 -11.88
CA GLU B 262 -13.23 -32.99 -13.03
C GLU B 262 -14.73 -32.78 -13.11
N MET B 263 -15.42 -32.69 -11.98
CA MET B 263 -16.81 -32.26 -12.06
C MET B 263 -16.93 -30.93 -12.80
N ILE B 264 -16.05 -29.98 -12.48
CA ILE B 264 -16.14 -28.64 -13.05
C ILE B 264 -15.88 -28.66 -14.56
N ASN B 265 -14.81 -29.32 -14.99
CA ASN B 265 -14.42 -29.23 -16.38
C ASN B 265 -15.20 -30.18 -17.28
N GLN B 266 -15.73 -31.29 -16.76
CA GLN B 266 -16.58 -32.14 -17.58
C GLN B 266 -17.99 -31.56 -17.62
N LYS B 267 -18.79 -32.06 -18.56
CA LYS B 267 -20.11 -31.50 -18.83
C LYS B 267 -21.24 -32.38 -18.30
N SER B 268 -20.94 -33.24 -17.34
CA SER B 268 -21.92 -34.02 -16.60
C SER B 268 -22.44 -33.26 -15.38
N SER B 269 -21.55 -32.55 -14.68
CA SER B 269 -21.94 -31.74 -13.54
C SER B 269 -21.84 -30.26 -13.89
N PRO B 270 -22.84 -29.45 -13.51
CA PRO B 270 -22.82 -28.02 -13.83
C PRO B 270 -21.92 -27.18 -12.93
N LEU B 271 -21.24 -27.80 -11.96
CA LEU B 271 -20.46 -27.05 -10.98
C LEU B 271 -19.47 -26.13 -11.65
N ASN B 272 -19.45 -24.85 -11.26
CA ASN B 272 -18.36 -23.98 -11.64
C ASN B 272 -17.44 -23.60 -10.48
N ARG B 273 -17.94 -23.63 -9.25
CA ARG B 273 -17.14 -23.19 -8.11
C ARG B 273 -17.60 -23.94 -6.89
N VAL B 274 -16.66 -24.46 -6.11
CA VAL B 274 -16.98 -25.06 -4.82
C VAL B 274 -15.86 -24.76 -3.83
N VAL B 275 -16.25 -24.36 -2.62
CA VAL B 275 -15.32 -24.04 -1.57
C VAL B 275 -15.13 -25.27 -0.68
N LEU B 276 -13.91 -25.76 -0.61
CA LEU B 276 -13.59 -26.95 0.17
C LEU B 276 -12.69 -26.54 1.30
N ALA B 277 -12.99 -27.02 2.49
CA ALA B 277 -12.37 -26.50 3.69
C ALA B 277 -11.55 -27.57 4.38
N ARG B 278 -10.68 -27.13 5.28
CA ARG B 278 -9.80 -27.99 6.04
C ARG B 278 -9.83 -27.56 7.51
N ASN B 279 -9.91 -28.56 8.40
CA ASN B 279 -9.83 -28.38 9.84
C ASN B 279 -8.42 -28.75 10.28
N SER B 280 -7.62 -27.74 10.66
CA SER B 280 -6.26 -27.95 11.12
C SER B 280 -6.27 -28.06 12.65
N ARG B 281 -6.02 -29.26 13.18
CA ARG B 281 -6.13 -29.52 14.62
C ARG B 281 -4.77 -29.42 15.30
N ILE B 282 -4.68 -28.58 16.33
CA ILE B 282 -3.46 -28.48 17.14
C ILE B 282 -3.78 -28.92 18.56
N ILE B 283 -2.92 -29.78 19.09
CA ILE B 283 -3.04 -30.28 20.46
C ILE B 283 -2.02 -29.56 21.31
N THR B 284 -2.47 -29.01 22.45
CA THR B 284 -1.60 -28.26 23.34
C THR B 284 -1.45 -28.98 24.68
N ASP B 285 -0.33 -28.74 25.36
CA ASP B 285 -0.19 -29.28 26.72
C ASP B 285 -1.15 -28.59 27.69
N THR B 286 -1.03 -27.28 27.83
CA THR B 286 -1.93 -26.48 28.66
C THR B 286 -2.98 -25.80 27.78
N ASP B 287 -4.03 -25.31 28.43
CA ASP B 287 -5.14 -24.70 27.73
C ASP B 287 -4.73 -23.37 27.08
N ILE B 288 -5.08 -23.23 25.80
CA ILE B 288 -5.00 -21.93 25.14
C ILE B 288 -6.03 -20.99 25.76
N ASP B 289 -5.61 -19.76 26.06
CA ASP B 289 -6.54 -18.71 26.47
C ASP B 289 -7.06 -18.04 25.21
N PRO B 290 -8.32 -18.29 24.84
CA PRO B 290 -8.82 -17.80 23.55
C PRO B 290 -8.94 -16.29 23.49
N ILE B 291 -9.19 -15.62 24.63
CA ILE B 291 -9.26 -14.16 24.65
C ILE B 291 -7.88 -13.56 24.43
N ALA B 292 -6.84 -14.09 25.11
CA ALA B 292 -5.48 -13.62 24.87
C ALA B 292 -5.05 -13.87 23.42
N TRP B 293 -5.38 -15.04 22.88
CA TRP B 293 -5.10 -15.29 21.46
C TRP B 293 -5.75 -14.24 20.59
N LEU B 294 -7.05 -14.01 20.79
CA LEU B 294 -7.79 -13.02 20.03
C LEU B 294 -7.20 -11.63 20.20
N ALA B 295 -6.82 -11.26 21.43
CA ALA B 295 -6.23 -9.94 21.65
C ALA B 295 -4.97 -9.77 20.81
N GLN B 296 -4.18 -10.84 20.66
CA GLN B 296 -2.97 -10.77 19.83
C GLN B 296 -3.31 -10.61 18.36
N LEU B 297 -4.33 -11.33 17.86
CA LEU B 297 -4.76 -11.09 16.50
C LEU B 297 -5.28 -9.66 16.32
N GLN B 298 -5.91 -9.08 17.35
CA GLN B 298 -6.52 -7.76 17.20
C GLN B 298 -5.47 -6.65 17.05
N ARG B 299 -4.52 -6.58 17.98
CA ARG B 299 -3.44 -5.60 17.86
C ARG B 299 -2.69 -5.76 16.54
N GLU B 300 -2.69 -6.97 15.99
CA GLU B 300 -2.05 -7.30 14.72
C GLU B 300 -3.02 -7.31 13.55
N GLY B 301 -4.31 -7.07 13.79
CA GLY B 301 -5.28 -7.22 12.74
C GLY B 301 -5.89 -5.91 12.29
N HIS B 302 -5.62 -5.51 11.06
CA HIS B 302 -6.11 -4.26 10.52
C HIS B 302 -7.25 -4.54 9.54
N ASP B 303 -8.31 -3.72 9.62
CA ASP B 303 -9.45 -3.83 8.71
C ASP B 303 -10.09 -5.22 8.80
N ALA B 304 -10.28 -5.69 10.02
CA ALA B 304 -10.88 -7.00 10.21
C ALA B 304 -11.84 -6.98 11.39
N TYR B 305 -12.79 -7.90 11.35
CA TYR B 305 -13.67 -8.17 12.47
C TYR B 305 -12.99 -9.15 13.42
N GLN B 306 -12.98 -8.82 14.71
CA GLN B 306 -12.62 -9.77 15.74
C GLN B 306 -13.88 -10.22 16.46
N PHE B 307 -13.94 -11.50 16.78
CA PHE B 307 -15.12 -12.00 17.46
C PHE B 307 -14.77 -13.17 18.37
N CYS B 308 -15.61 -13.32 19.40
CA CYS B 308 -15.65 -14.49 20.26
C CYS B 308 -17.11 -14.88 20.48
N LEU B 309 -17.42 -16.17 20.33
CA LEU B 309 -18.72 -16.70 20.74
C LEU B 309 -18.48 -17.98 21.53
N GLN B 310 -18.93 -17.99 22.78
CA GLN B 310 -18.69 -19.13 23.65
C GLN B 310 -19.90 -19.38 24.53
N PRO B 311 -20.82 -20.21 24.07
CA PRO B 311 -21.98 -20.57 24.89
C PRO B 311 -21.57 -21.29 26.16
N PRO B 312 -22.47 -21.42 27.14
CA PRO B 312 -22.10 -22.08 28.40
C PRO B 312 -21.61 -23.50 28.17
N GLY B 313 -20.50 -23.82 28.81
CA GLY B 313 -19.91 -25.15 28.67
C GLY B 313 -19.31 -25.45 27.32
N ALA B 314 -19.14 -24.45 26.46
CA ALA B 314 -18.68 -24.70 25.10
C ALA B 314 -17.23 -24.28 24.91
N PRO B 315 -16.57 -24.79 23.87
CA PRO B 315 -15.34 -24.15 23.39
C PRO B 315 -15.63 -22.74 22.89
N ALA B 316 -14.57 -21.94 22.81
CA ALA B 316 -14.66 -20.57 22.31
C ALA B 316 -14.41 -20.56 20.81
N PHE B 317 -15.38 -20.04 20.05
CA PHE B 317 -15.26 -19.79 18.62
C PHE B 317 -14.77 -18.35 18.46
N ILE B 318 -13.56 -18.19 17.91
CA ILE B 318 -12.96 -16.87 17.78
C ILE B 318 -12.49 -16.67 16.35
N GLY B 319 -12.37 -15.42 15.94
CA GLY B 319 -11.87 -15.17 14.60
C GLY B 319 -11.40 -13.75 14.41
N ASN B 320 -10.68 -13.57 13.28
CA ASN B 320 -10.18 -12.28 12.86
C ASN B 320 -10.37 -12.27 11.35
N THR B 321 -11.59 -11.92 10.91
CA THR B 321 -12.01 -12.10 9.54
C THR B 321 -12.14 -10.77 8.79
N PRO B 322 -11.67 -10.73 7.54
CA PRO B 322 -11.84 -9.52 6.73
C PRO B 322 -13.25 -9.34 6.19
N GLU B 323 -14.10 -10.36 6.22
CA GLU B 323 -15.25 -10.43 5.31
C GLU B 323 -16.53 -10.00 6.00
N ARG B 324 -17.20 -9.00 5.45
CA ARG B 324 -18.53 -8.62 5.88
C ARG B 324 -19.57 -9.47 5.14
N LEU B 325 -20.56 -9.99 5.88
CA LEU B 325 -21.71 -10.54 5.21
C LEU B 325 -22.68 -9.43 4.86
N PHE B 326 -23.12 -8.68 5.88
CA PHE B 326 -23.82 -7.43 5.63
C PHE B 326 -23.79 -6.54 6.88
N GLN B 327 -23.95 -5.24 6.63
CA GLN B 327 -24.22 -4.25 7.65
C GLN B 327 -25.52 -3.54 7.29
N ARG B 328 -26.33 -3.24 8.29
CA ARG B 328 -27.55 -2.46 8.10
C ARG B 328 -27.52 -1.27 9.05
N THR B 329 -27.65 -0.07 8.51
CA THR B 329 -27.88 1.15 9.29
C THR B 329 -29.23 1.71 8.86
N GLN B 330 -30.23 1.59 9.74
CA GLN B 330 -31.59 1.94 9.39
C GLN B 330 -31.99 1.25 8.10
N LEU B 331 -32.18 2.01 7.02
CA LEU B 331 -32.62 1.42 5.77
C LEU B 331 -31.48 1.02 4.84
N GLY B 332 -30.27 1.53 5.05
CA GLY B 332 -29.17 1.19 4.16
C GLY B 332 -28.54 -0.14 4.54
N VAL B 333 -28.30 -1.00 3.53
CA VAL B 333 -27.57 -2.24 3.76
C VAL B 333 -26.36 -2.27 2.82
N CYS B 334 -25.30 -2.90 3.29
CA CYS B 334 -24.03 -2.99 2.58
C CYS B 334 -23.51 -4.41 2.71
N SER B 335 -23.01 -4.96 1.60
CA SER B 335 -22.33 -6.25 1.63
C SER B 335 -21.12 -6.13 0.71
N GLU B 336 -20.51 -7.27 0.38
CA GLU B 336 -19.30 -7.27 -0.44
C GLU B 336 -19.09 -8.65 -1.06
N ALA B 337 -18.36 -8.63 -2.17
CA ALA B 337 -17.89 -9.81 -2.90
C ALA B 337 -16.39 -9.91 -2.69
N LEU B 338 -15.98 -10.96 -2.03
CA LEU B 338 -14.54 -11.19 -1.71
C LEU B 338 -14.23 -12.57 -2.25
N ALA B 339 -13.56 -12.63 -3.38
CA ALA B 339 -13.25 -13.93 -3.97
C ALA B 339 -11.88 -13.86 -4.64
N ALA B 340 -11.29 -15.04 -4.80
CA ALA B 340 -9.95 -15.35 -5.36
C ALA B 340 -8.84 -15.06 -4.33
N THR B 341 -7.79 -15.82 -4.40
CA THR B 341 -6.72 -15.61 -3.42
C THR B 341 -5.37 -15.82 -4.11
N ARG B 342 -4.48 -14.91 -3.81
CA ARG B 342 -3.07 -14.94 -4.21
C ARG B 342 -2.30 -14.56 -2.96
N PRO B 343 -1.11 -15.09 -2.77
CA PRO B 343 -0.35 -14.67 -1.64
C PRO B 343 0.20 -13.23 -1.80
N ARG B 344 0.55 -12.64 -0.68
CA ARG B 344 1.35 -11.41 -0.71
C ARG B 344 2.80 -11.86 -0.92
N ALA B 345 3.65 -11.00 -1.47
CA ALA B 345 5.05 -11.34 -1.68
C ALA B 345 5.91 -10.52 -0.74
N ALA B 346 7.08 -11.08 -0.40
CA ALA B 346 8.00 -10.38 0.50
C ALA B 346 8.53 -9.10 -0.13
N SER B 347 8.84 -9.14 -1.42
CA SER B 347 9.36 -7.98 -2.13
C SER B 347 8.22 -7.21 -2.81
N SER B 348 8.37 -5.89 -2.83
CA SER B 348 7.35 -5.01 -3.37
C SER B 348 7.06 -5.30 -4.85
N ALA B 349 8.09 -5.61 -5.65
CA ALA B 349 7.86 -5.82 -7.07
C ALA B 349 7.07 -7.09 -7.34
N ARG B 350 7.39 -8.17 -6.62
CA ARG B 350 6.66 -9.42 -6.79
C ARG B 350 5.21 -9.26 -6.32
N ASP B 351 5.01 -8.57 -5.21
CA ASP B 351 3.65 -8.29 -4.73
C ASP B 351 2.84 -7.53 -5.78
N MET B 352 3.43 -6.51 -6.40
CA MET B 352 2.72 -5.73 -7.39
C MET B 352 2.35 -6.57 -8.61
N GLU B 353 3.25 -7.49 -8.99
CA GLU B 353 2.99 -8.33 -10.16
C GLU B 353 1.86 -9.32 -9.89
N ILE B 354 1.86 -9.92 -8.70
CA ILE B 354 0.77 -10.82 -8.32
C ILE B 354 -0.55 -10.06 -8.32
N GLU B 355 -0.55 -8.85 -7.74
CA GLU B 355 -1.75 -8.03 -7.73
C GLU B 355 -2.23 -7.73 -9.15
N ARG B 356 -1.30 -7.43 -10.06
CA ARG B 356 -1.72 -7.11 -11.43
C ARG B 356 -2.29 -8.35 -12.13
N ASP B 357 -1.67 -9.51 -11.89
CA ASP B 357 -2.18 -10.75 -12.46
C ASP B 357 -3.63 -11.00 -12.03
N LEU B 358 -3.93 -10.76 -10.76
CA LEU B 358 -5.29 -10.85 -10.24
C LEU B 358 -6.22 -9.88 -10.95
N LEU B 359 -5.77 -8.65 -11.16
CA LEU B 359 -6.60 -7.60 -11.72
C LEU B 359 -6.82 -7.73 -13.22
N THR B 360 -5.94 -8.44 -13.93
CA THR B 360 -6.02 -8.50 -15.39
C THR B 360 -6.41 -9.86 -15.94
N SER B 361 -6.29 -10.93 -15.15
CA SER B 361 -6.60 -12.29 -15.61
C SER B 361 -8.04 -12.37 -16.10
N PRO B 362 -8.27 -12.69 -17.39
CA PRO B 362 -9.66 -12.90 -17.83
C PRO B 362 -10.36 -14.00 -17.05
N LYS B 363 -9.66 -15.09 -16.74
CA LYS B 363 -10.24 -16.17 -15.94
C LYS B 363 -10.71 -15.66 -14.58
N ASP B 364 -9.83 -14.97 -13.84
CA ASP B 364 -10.21 -14.46 -12.52
C ASP B 364 -11.36 -13.48 -12.61
N ASP B 365 -11.34 -12.62 -13.63
CA ASP B 365 -12.43 -11.67 -13.84
C ASP B 365 -13.77 -12.38 -13.97
N LEU B 366 -13.83 -13.42 -14.81
CA LEU B 366 -15.05 -14.18 -14.97
C LEU B 366 -15.44 -14.87 -13.67
N GLU B 367 -14.46 -15.47 -12.98
CA GLU B 367 -14.72 -16.17 -11.73
C GLU B 367 -15.15 -15.21 -10.63
N PHE B 368 -14.57 -14.00 -10.60
CA PHE B 368 -15.00 -13.04 -9.60
C PHE B 368 -16.39 -12.52 -9.92
N SER B 369 -16.70 -12.34 -11.22
CA SER B 369 -17.96 -11.76 -11.64
C SER B 369 -19.14 -12.62 -11.23
N ILE B 370 -19.02 -13.95 -11.35
CA ILE B 370 -20.16 -14.77 -10.97
C ILE B 370 -20.42 -14.67 -9.47
N VAL B 371 -19.37 -14.45 -8.67
CA VAL B 371 -19.58 -14.18 -7.24
C VAL B 371 -20.22 -12.80 -7.05
N ARG B 372 -19.61 -11.76 -7.61
CA ARG B 372 -20.14 -10.41 -7.43
C ARG B 372 -21.58 -10.30 -7.93
N GLU B 373 -21.85 -10.81 -9.14
CA GLU B 373 -23.18 -10.66 -9.71
C GLU B 373 -24.22 -11.47 -8.95
N ASN B 374 -23.82 -12.62 -8.39
CA ASN B 374 -24.77 -13.37 -7.58
C ASN B 374 -25.18 -12.60 -6.34
N ILE B 375 -24.20 -11.97 -5.65
CA ILE B 375 -24.53 -11.18 -4.46
C ILE B 375 -25.34 -9.94 -4.85
N ARG B 376 -24.93 -9.27 -5.93
CA ARG B 376 -25.66 -8.10 -6.41
C ARG B 376 -27.15 -8.38 -6.56
N GLU B 377 -27.47 -9.49 -7.21
CA GLU B 377 -28.86 -9.80 -7.48
C GLU B 377 -29.61 -10.25 -6.23
N LYS B 378 -28.94 -10.88 -5.26
CA LYS B 378 -29.57 -11.09 -3.96
C LYS B 378 -30.04 -9.76 -3.38
N LEU B 379 -29.15 -8.76 -3.36
CA LEU B 379 -29.53 -7.43 -2.90
C LEU B 379 -30.63 -6.83 -3.75
N ASN B 380 -30.50 -6.96 -5.09
CA ASN B 380 -31.43 -6.35 -6.03
C ASN B 380 -32.86 -6.86 -5.88
N GLY B 381 -33.04 -8.11 -5.46
CA GLY B 381 -34.40 -8.61 -5.25
C GLY B 381 -35.10 -8.01 -4.05
N ILE B 382 -34.34 -7.45 -3.10
CA ILE B 382 -34.91 -6.87 -1.90
C ILE B 382 -34.84 -5.35 -1.93
N CYS B 383 -33.72 -4.79 -2.39
CA CYS B 383 -33.52 -3.36 -2.41
C CYS B 383 -34.10 -2.78 -3.71
N ASP B 384 -34.55 -1.53 -3.65
CA ASP B 384 -35.06 -0.90 -4.86
C ASP B 384 -33.97 -0.79 -5.93
N ARG B 385 -32.80 -0.26 -5.57
CA ARG B 385 -31.66 -0.41 -6.45
C ARG B 385 -30.36 -0.49 -5.65
N VAL B 386 -29.34 -0.97 -6.34
CA VAL B 386 -28.10 -1.46 -5.77
C VAL B 386 -26.96 -0.66 -6.39
N VAL B 387 -25.98 -0.31 -5.57
CA VAL B 387 -24.78 0.39 -6.03
C VAL B 387 -23.63 -0.59 -5.89
N VAL B 388 -22.79 -0.68 -6.91
CA VAL B 388 -21.62 -1.55 -6.90
C VAL B 388 -20.40 -0.66 -7.04
N LYS B 389 -19.48 -0.74 -6.07
CA LYS B 389 -18.29 0.10 -6.18
C LYS B 389 -17.14 -0.42 -5.34
N PRO B 390 -15.95 -0.63 -5.93
CA PRO B 390 -15.80 -0.62 -7.38
C PRO B 390 -16.30 -1.94 -7.94
N GLN B 391 -16.27 -2.10 -9.26
CA GLN B 391 -16.60 -3.39 -9.85
C GLN B 391 -15.60 -4.46 -9.45
N LYS B 392 -14.33 -4.08 -9.36
CA LYS B 392 -13.25 -5.02 -9.09
C LYS B 392 -12.02 -4.26 -8.64
N THR B 393 -11.49 -4.61 -7.47
CA THR B 393 -10.18 -4.14 -7.03
C THR B 393 -9.54 -5.29 -6.27
N VAL B 394 -8.32 -5.08 -5.80
CA VAL B 394 -7.65 -6.08 -4.98
C VAL B 394 -7.61 -5.56 -3.55
N ARG B 395 -8.13 -6.35 -2.62
CA ARG B 395 -8.04 -6.03 -1.20
C ARG B 395 -6.84 -6.78 -0.63
N LYS B 396 -5.86 -6.03 -0.13
CA LYS B 396 -4.59 -6.58 0.30
C LYS B 396 -4.63 -6.79 1.81
N LEU B 397 -4.46 -8.03 2.26
CA LEU B 397 -4.34 -8.31 3.69
C LEU B 397 -2.89 -8.70 4.00
N ALA B 398 -2.68 -9.28 5.20
CA ALA B 398 -1.33 -9.48 5.71
C ALA B 398 -0.53 -10.45 4.83
N ARG B 399 -1.09 -11.62 4.53
CA ARG B 399 -0.37 -12.60 3.73
C ARG B 399 -1.12 -13.07 2.50
N VAL B 400 -2.37 -12.65 2.31
CA VAL B 400 -3.12 -12.99 1.11
C VAL B 400 -3.72 -11.70 0.56
N GLN B 401 -4.14 -11.77 -0.70
CA GLN B 401 -4.90 -10.67 -1.29
C GLN B 401 -6.00 -11.27 -2.15
N HIS B 402 -7.17 -10.60 -2.14
CA HIS B 402 -8.39 -11.08 -2.79
C HIS B 402 -8.93 -10.03 -3.75
N LEU B 403 -9.66 -10.49 -4.76
CA LEU B 403 -10.50 -9.58 -5.52
C LEU B 403 -11.70 -9.16 -4.69
N TYR B 404 -12.23 -7.98 -4.98
CA TYR B 404 -13.08 -7.33 -4.00
C TYR B 404 -14.01 -6.32 -4.66
N SER B 405 -15.21 -6.21 -4.11
CA SER B 405 -16.19 -5.25 -4.57
C SER B 405 -17.15 -5.01 -3.42
N GLN B 406 -17.58 -3.76 -3.26
CA GLN B 406 -18.59 -3.38 -2.28
C GLN B 406 -19.93 -3.17 -2.97
N LEU B 407 -20.99 -3.59 -2.30
CA LEU B 407 -22.35 -3.50 -2.84
C LEU B 407 -23.28 -2.98 -1.76
N ALA B 408 -24.14 -2.05 -2.13
CA ALA B 408 -25.01 -1.40 -1.17
C ALA B 408 -26.35 -1.14 -1.82
N GLY B 409 -27.37 -1.03 -0.97
CA GLY B 409 -28.71 -0.79 -1.45
C GLY B 409 -29.57 -0.28 -0.31
N ARG B 410 -30.74 0.20 -0.69
CA ARG B 410 -31.67 0.81 0.24
C ARG B 410 -32.88 -0.11 0.39
N LEU B 411 -33.19 -0.45 1.64
CA LEU B 411 -34.37 -1.25 1.96
C LEU B 411 -35.64 -0.41 1.87
N THR B 412 -36.75 -1.10 1.60
CA THR B 412 -38.05 -0.44 1.67
C THR B 412 -38.46 -0.23 3.13
N LYS B 413 -38.23 -1.24 3.98
CA LYS B 413 -38.55 -1.16 5.40
C LYS B 413 -37.45 -1.86 6.19
N GLU B 414 -37.27 -1.43 7.44
CA GLU B 414 -36.21 -2.00 8.27
C GLU B 414 -36.48 -3.48 8.57
N ASP B 415 -37.75 -3.90 8.53
CA ASP B 415 -38.08 -5.30 8.75
C ASP B 415 -37.55 -6.23 7.66
N ASP B 416 -37.15 -5.69 6.51
CA ASP B 416 -36.55 -6.53 5.48
C ASP B 416 -35.13 -6.97 5.83
N GLU B 417 -34.66 -6.61 7.03
CA GLU B 417 -33.38 -7.12 7.52
C GLU B 417 -33.30 -8.62 7.43
N TYR B 418 -34.34 -9.32 7.90
CA TYR B 418 -34.32 -10.78 7.86
C TYR B 418 -34.18 -11.28 6.42
N LYS B 419 -34.86 -10.64 5.47
CA LYS B 419 -34.75 -11.03 4.06
C LYS B 419 -33.30 -10.93 3.58
N ILE B 420 -32.61 -9.86 3.96
CA ILE B 420 -31.21 -9.70 3.59
C ILE B 420 -30.40 -10.87 4.10
N LEU B 421 -30.55 -11.17 5.39
CA LEU B 421 -29.81 -12.26 6.00
C LEU B 421 -30.11 -13.59 5.33
N ALA B 422 -31.40 -13.90 5.17
CA ALA B 422 -31.79 -15.17 4.56
C ALA B 422 -31.28 -15.28 3.12
N ALA B 423 -31.28 -14.17 2.37
CA ALA B 423 -30.84 -14.23 0.99
C ALA B 423 -29.32 -14.35 0.88
N LEU B 424 -28.59 -13.68 1.75
CA LEU B 424 -27.15 -13.63 1.57
C LEU B 424 -26.45 -14.84 2.15
N HIS B 425 -26.90 -15.35 3.33
CA HIS B 425 -26.10 -16.46 3.81
C HIS B 425 -26.56 -17.78 3.19
N PRO B 426 -25.64 -18.60 2.65
CA PRO B 426 -24.23 -18.29 2.41
C PRO B 426 -24.02 -17.73 0.99
N THR B 427 -22.96 -16.97 0.76
CA THR B 427 -22.69 -16.51 -0.60
C THR B 427 -21.76 -17.50 -1.29
N PRO B 428 -21.57 -17.38 -2.60
CA PRO B 428 -20.66 -18.31 -3.29
C PRO B 428 -19.23 -18.22 -2.79
N ALA B 429 -18.87 -17.15 -2.08
CA ALA B 429 -17.51 -17.04 -1.54
C ALA B 429 -17.18 -18.17 -0.57
N VAL B 430 -18.16 -18.71 0.14
CA VAL B 430 -17.88 -19.80 1.08
C VAL B 430 -18.63 -21.08 0.73
N CYS B 431 -19.46 -21.08 -0.31
CA CYS B 431 -20.22 -22.28 -0.67
C CYS B 431 -19.92 -22.63 -2.13
N GLY B 432 -20.63 -22.03 -3.09
CA GLY B 432 -20.20 -22.12 -4.47
C GLY B 432 -21.35 -22.00 -5.45
N LEU B 433 -21.05 -22.33 -6.73
CA LEU B 433 -22.01 -22.14 -7.81
C LEU B 433 -21.98 -23.33 -8.78
N PRO B 434 -23.14 -23.92 -9.11
CA PRO B 434 -24.45 -23.59 -8.53
C PRO B 434 -24.50 -23.92 -7.05
N ALA B 435 -25.28 -23.15 -6.29
CA ALA B 435 -25.29 -23.31 -4.83
C ALA B 435 -25.74 -24.72 -4.44
N GLU B 436 -26.76 -25.24 -5.12
CA GLU B 436 -27.24 -26.59 -4.85
C GLU B 436 -26.10 -27.61 -4.96
N GLU B 437 -25.46 -27.65 -6.14
CA GLU B 437 -24.45 -28.66 -6.39
C GLU B 437 -23.24 -28.46 -5.48
N ALA B 438 -22.86 -27.21 -5.21
CA ALA B 438 -21.73 -26.93 -4.32
C ALA B 438 -22.03 -27.34 -2.89
N ARG B 439 -23.22 -26.96 -2.38
CA ARG B 439 -23.60 -27.32 -1.03
C ARG B 439 -23.63 -28.83 -0.83
N LEU B 440 -24.02 -29.57 -1.87
CA LEU B 440 -24.09 -31.02 -1.72
C LEU B 440 -22.71 -31.68 -1.84
N LEU B 441 -21.85 -31.16 -2.71
CA LEU B 441 -20.48 -31.65 -2.77
C LEU B 441 -19.75 -31.41 -1.45
N ILE B 442 -19.99 -30.27 -0.81
CA ILE B 442 -19.35 -29.98 0.47
C ILE B 442 -19.76 -31.02 1.51
N LYS B 443 -21.07 -31.30 1.61
CA LYS B 443 -21.60 -32.32 2.51
C LYS B 443 -20.92 -33.67 2.31
N GLU B 444 -20.61 -34.04 1.07
CA GLU B 444 -20.10 -35.37 0.76
C GLU B 444 -18.59 -35.46 0.87
N ILE B 445 -17.88 -34.39 0.51
CA ILE B 445 -16.42 -34.41 0.53
C ILE B 445 -15.85 -34.14 1.92
N GLU B 446 -16.40 -33.15 2.64
CA GLU B 446 -15.82 -32.80 3.94
C GLU B 446 -16.35 -33.74 5.01
N SER B 447 -15.45 -34.30 5.80
CA SER B 447 -15.81 -35.25 6.85
C SER B 447 -15.91 -34.62 8.23
N PHE B 448 -15.50 -33.37 8.37
CA PHE B 448 -15.69 -32.65 9.61
C PHE B 448 -16.87 -31.69 9.49
N ASP B 449 -17.33 -31.22 10.64
CA ASP B 449 -18.42 -30.27 10.73
C ASP B 449 -17.83 -28.86 10.70
N ARG B 450 -18.28 -28.04 9.72
CA ARG B 450 -17.89 -26.63 9.71
C ARG B 450 -18.39 -25.89 10.94
N GLY B 451 -19.54 -26.32 11.48
CA GLY B 451 -20.16 -25.58 12.57
C GLY B 451 -20.46 -24.16 12.12
N MET B 452 -19.99 -23.19 12.90
CA MET B 452 -20.18 -21.78 12.63
C MET B 452 -19.09 -21.17 11.78
N TYR B 453 -18.00 -21.90 11.51
CA TYR B 453 -17.05 -21.42 10.52
C TYR B 453 -17.78 -21.23 9.20
N ALA B 454 -17.48 -20.12 8.53
CA ALA B 454 -18.11 -19.67 7.29
C ALA B 454 -19.58 -19.31 7.48
N GLY B 455 -20.07 -19.27 8.72
CA GLY B 455 -21.41 -18.83 9.01
C GLY B 455 -21.44 -17.36 9.38
N PRO B 456 -22.63 -16.76 9.47
CA PRO B 456 -22.72 -15.38 9.95
C PRO B 456 -22.31 -15.30 11.41
N ILE B 457 -21.57 -14.24 11.75
CA ILE B 457 -21.23 -13.98 13.14
C ILE B 457 -21.26 -12.47 13.34
N GLY B 458 -22.00 -12.01 14.35
CA GLY B 458 -22.15 -10.58 14.58
C GLY B 458 -23.25 -10.25 15.59
N PHE B 459 -24.14 -9.32 15.26
CA PHE B 459 -25.14 -8.91 16.23
C PHE B 459 -26.36 -8.32 15.53
N PHE B 460 -27.52 -8.51 16.15
CA PHE B 460 -28.73 -7.78 15.84
C PHE B 460 -28.89 -6.59 16.78
N GLY B 461 -29.21 -5.42 16.21
CA GLY B 461 -29.61 -4.28 17.01
C GLY B 461 -30.87 -3.64 16.44
N GLY B 462 -31.48 -2.78 17.24
CA GLY B 462 -32.70 -2.07 16.83
C GLY B 462 -32.58 -1.34 15.51
N GLU B 463 -31.66 -0.37 15.42
CA GLU B 463 -31.48 0.39 14.19
C GLU B 463 -30.22 0.03 13.44
N GLU B 464 -29.34 -0.79 14.01
CA GLU B 464 -28.12 -1.20 13.35
C GLU B 464 -27.89 -2.68 13.60
N SER B 465 -27.56 -3.44 12.56
CA SER B 465 -27.12 -4.82 12.69
C SER B 465 -25.88 -5.00 11.81
N GLU B 466 -25.04 -5.96 12.16
CA GLU B 466 -23.85 -6.20 11.35
C GLU B 466 -23.37 -7.63 11.56
N PHE B 467 -23.09 -8.27 10.45
CA PHE B 467 -22.63 -9.67 10.42
C PHE B 467 -21.41 -9.81 9.54
N ALA B 468 -20.39 -10.40 10.14
CA ALA B 468 -19.19 -10.82 9.42
C ALA B 468 -19.42 -12.25 8.95
N VAL B 469 -18.59 -12.70 8.03
CA VAL B 469 -18.58 -14.10 7.59
C VAL B 469 -17.51 -14.77 8.46
N GLY B 470 -17.89 -15.81 9.19
CA GLY B 470 -17.06 -16.58 10.15
C GLY B 470 -15.87 -17.40 9.65
N ILE B 471 -15.14 -16.93 8.64
CA ILE B 471 -13.88 -17.52 8.15
C ILE B 471 -12.72 -16.94 8.98
N ARG B 472 -11.50 -17.38 8.71
CA ARG B 472 -10.28 -16.95 9.42
C ARG B 472 -10.51 -17.10 10.93
N SER B 473 -10.97 -18.28 11.30
CA SER B 473 -11.49 -18.54 12.65
C SER B 473 -10.97 -19.85 13.22
N ALA B 474 -11.30 -20.08 14.48
CA ALA B 474 -10.80 -21.24 15.20
C ALA B 474 -11.75 -21.59 16.34
N LEU B 475 -11.85 -22.87 16.65
CA LEU B 475 -12.59 -23.35 17.82
C LEU B 475 -11.58 -23.80 18.87
N VAL B 476 -11.61 -23.17 20.05
CA VAL B 476 -10.57 -23.35 21.07
C VAL B 476 -11.19 -24.10 22.25
N GLU B 477 -10.71 -25.32 22.50
CA GLU B 477 -11.31 -26.20 23.51
C GLU B 477 -10.31 -26.47 24.62
N LYS B 478 -10.74 -26.18 25.84
CA LYS B 478 -9.95 -26.45 27.07
C LYS B 478 -9.71 -27.95 27.18
N GLY B 479 -8.49 -28.35 27.54
CA GLY B 479 -8.17 -29.77 27.68
C GLY B 479 -8.05 -30.47 26.34
N LEU B 480 -7.81 -29.73 25.27
CA LEU B 480 -7.69 -30.30 23.90
C LEU B 480 -6.69 -29.49 23.07
N GLY B 481 -7.11 -28.29 22.63
CA GLY B 481 -6.33 -27.39 21.78
C GLY B 481 -7.24 -26.53 20.92
N ALA B 482 -7.00 -26.55 19.71
CA ALA B 482 -7.80 -25.69 18.84
C ALA B 482 -8.01 -26.36 17.50
N LEU B 483 -9.15 -26.05 16.88
CA LEU B 483 -9.43 -26.41 15.49
C LEU B 483 -9.39 -25.12 14.67
N ILE B 484 -8.51 -25.07 13.67
CA ILE B 484 -8.28 -23.89 12.85
C ILE B 484 -8.74 -24.17 11.43
N TYR B 485 -9.64 -23.33 10.91
CA TYR B 485 -10.40 -23.60 9.68
C TYR B 485 -9.99 -22.67 8.54
N ALA B 486 -9.96 -23.23 7.32
CA ALA B 486 -9.70 -22.44 6.14
C ALA B 486 -10.25 -23.18 4.94
N GLY B 487 -10.64 -22.42 3.91
CA GLY B 487 -11.13 -23.00 2.69
C GLY B 487 -10.63 -22.20 1.51
N THR B 488 -10.74 -22.81 0.33
CA THR B 488 -10.39 -22.15 -0.93
C THR B 488 -11.47 -22.43 -1.96
N GLY B 489 -11.66 -21.48 -2.88
CA GLY B 489 -12.55 -21.71 -3.99
C GLY B 489 -11.88 -22.55 -5.05
N ILE B 490 -12.36 -23.77 -5.22
CA ILE B 490 -11.91 -24.63 -6.31
C ILE B 490 -12.73 -24.27 -7.54
N VAL B 491 -12.05 -23.81 -8.60
CA VAL B 491 -12.64 -23.41 -9.87
C VAL B 491 -11.85 -24.10 -10.98
N ALA B 492 -12.34 -23.95 -12.23
CA ALA B 492 -11.79 -24.66 -13.39
C ALA B 492 -10.26 -24.83 -13.38
N GLY B 493 -9.52 -23.72 -13.27
CA GLY B 493 -8.06 -23.85 -13.35
C GLY B 493 -7.29 -24.00 -12.04
N SER B 494 -7.96 -24.41 -10.97
CA SER B 494 -7.34 -24.50 -9.65
C SER B 494 -6.28 -25.61 -9.60
N ASP B 495 -5.19 -25.35 -8.87
CA ASP B 495 -4.09 -26.29 -8.74
C ASP B 495 -4.01 -26.85 -7.32
N PRO B 496 -4.20 -28.16 -7.11
CA PRO B 496 -4.35 -28.68 -5.74
C PRO B 496 -3.19 -28.35 -4.80
N SER B 497 -1.95 -28.51 -5.25
CA SER B 497 -0.82 -28.15 -4.40
C SER B 497 -0.86 -26.67 -4.08
N SER B 498 -1.19 -25.84 -5.08
CA SER B 498 -1.27 -24.39 -4.87
C SER B 498 -2.37 -24.02 -3.87
N GLU B 499 -3.47 -24.78 -3.85
CA GLU B 499 -4.56 -24.48 -2.94
C GLU B 499 -4.21 -24.92 -1.52
N TRP B 500 -3.61 -26.11 -1.37
CA TRP B 500 -3.11 -26.52 -0.06
C TRP B 500 -2.23 -25.46 0.57
N ASN B 501 -1.23 -24.97 -0.18
CA ASN B 501 -0.42 -23.85 0.29
C ASN B 501 -1.28 -22.69 0.72
N GLU B 502 -2.34 -22.41 -0.03
CA GLU B 502 -3.21 -21.29 0.30
C GLU B 502 -3.92 -21.51 1.63
N LEU B 503 -4.38 -22.74 1.89
CA LEU B 503 -4.95 -23.08 3.19
C LEU B 503 -3.98 -22.77 4.33
N ASP B 504 -2.68 -23.04 4.12
CA ASP B 504 -1.71 -22.76 5.17
C ASP B 504 -1.51 -21.27 5.37
N LEU B 505 -1.49 -20.49 4.28
CA LEU B 505 -1.38 -19.04 4.42
C LEU B 505 -2.58 -18.46 5.16
N LYS B 506 -3.77 -19.03 4.93
CA LYS B 506 -4.97 -18.45 5.52
C LYS B 506 -5.03 -18.67 7.02
N ILE B 507 -4.53 -19.82 7.52
CA ILE B 507 -4.50 -20.05 8.96
C ILE B 507 -3.21 -19.55 9.60
N SER B 508 -2.31 -18.92 8.84
CA SER B 508 -1.00 -18.57 9.40
C SER B 508 -1.09 -17.50 10.48
N GLN B 509 -2.13 -16.65 10.49
CA GLN B 509 -2.27 -15.72 11.59
C GLN B 509 -2.45 -16.44 12.91
N PHE B 510 -3.07 -17.63 12.90
CA PHE B 510 -3.19 -18.43 14.12
C PHE B 510 -1.92 -19.22 14.39
N THR B 511 -1.43 -19.98 13.40
CA THR B 511 -0.31 -20.88 13.63
C THR B 511 0.98 -20.12 13.93
N LYS B 512 1.20 -18.95 13.32
CA LYS B 512 2.38 -18.17 13.66
C LYS B 512 2.33 -17.67 15.11
N SER B 513 1.15 -17.25 15.59
CA SER B 513 1.07 -16.58 16.89
C SER B 513 0.96 -17.55 18.04
N ILE B 514 0.68 -18.81 17.78
CA ILE B 514 0.75 -19.83 18.83
C ILE B 514 2.14 -20.45 18.88
N GLU B 515 2.85 -20.48 17.74
CA GLU B 515 4.21 -20.99 17.62
C GLU B 515 4.31 -22.47 17.99
#